data_8IQ6
#
_entry.id   8IQ6
#
_cell.length_a   1.00
_cell.length_b   1.00
_cell.length_c   1.00
_cell.angle_alpha   90.00
_cell.angle_beta   90.00
_cell.angle_gamma   90.00
#
_symmetry.space_group_name_H-M   'P 1'
#
loop_
_entity.id
_entity.type
_entity.pdbx_description
1 polymer 'Guanine nucleotide-binding protein G(s) subunit alpha isoforms short'
2 polymer 'Guanine nucleotide-binding protein G(I)/G(S)/G(T) subunit beta-1'
3 polymer 'Guanine nucleotide-binding protein G(I)/G(S)/G(O) subunit gamma-2'
4 polymer 'Nanobody 35'
5 polymer 'Prostaglandin F2-alpha receptor'
6 non-polymer 'Z-7-[(1R,2R,3R,5S)-3,5-bis(oxidanyl)-2-[(3R)-3-oxidanyl-5-phenyl-pentyl]cyclopentyl]hept-5-enoic acid'
#
loop_
_entity_poly.entity_id
_entity_poly.type
_entity_poly.pdbx_seq_one_letter_code
_entity_poly.pdbx_strand_id
1 'polypeptide(L)'
;GPTLSAEDKAAVERSKMIEKQLQKDKQVYRATHRLLLLGADNSGKSTIVKQMRILHGGSGGSGGTSGIFETKFQVDKVNF
HMFDVGGQRDERRKWIQCFNDVTAIIFVVDSSDYNRLQEALNDFKSIWNNRWLRTISVILFLNKQDLLAEKVLAGKSKIE
DYFPEFARYTTPEDATPEPGEDPRVTRAKYFIRDEFLRISTASGDGRHYCYPHFTCAVDTENARRIFNDCKDIILQMNLR
EYNLV
;
A
2 'polypeptide(L)'
;MHHHHHHLEVLFQGPGSSGSELDQLRQEAEQLKNQIRDARKACADATLSQITNNIDPVGRIQMRTRRTLRGHLAKIYAMH
WGTDSRLLVSASQDGKLIIWDSYTTNKVHAIPLRSSWVMTCAYAPSGNYVACGGLDNICSIYNLKTREGNVRVSRELAGH
TGYLSCCRFLDDNQIVTSSGDTTCALWDIETGQQTTTFTGHTGDVMSLSLAPDTRLFVSGACDASAKLWDVREGMCRQTF
TGHESDINAICFFPNGNAFATGSDDATCRLFDLRADQELMTYSHDNIICGITSVSFSKSGRLLLAGYDDFNCNVWDALKA
DRAGVLAGHDNRVSCLGVTDDGMAVATGSWDSFLKIWN
;
B
3 'polypeptide(L)' MASNNTASIAQARKLVEQLKMEANIDRIKVSKAAADLMAYCEAHAKEDPLLTPVPASENPFREKKFFCAIL G
4 'polypeptide(L)'
;QVQLQESGGGLVQPGGSLRLSCAASGFTFSNYKMNWVRQAPGKGLEWVSDISQSGASISYTGSVKGRFTISRDNAKNTLY
LQMNSLKPEDTAVYYCARCPAPFTPFCFDVTSTTYAYRGQGTQVTVSSHHHHHH
;
N
5 'polypeptide(L)'
;DYKDDDDAMSMNNSKQLVSPAAALLSNTTCQTENRLSVFFSVIFMTVGILSNSLAIAILMKAYQRFRQKSKASFLLLASG
LVITDFFGHLINGAIAVFVYASDKEWIRFDQSNVLCSIFGICMVFSGLCPLLLGSVMAIERCIGVTKPIFHSTKITSKHV
KMMLSGVCLFAVFIALLPILGHRDYKIQASRTWCFYNTEDIKDWEDRFYLLLFSFLGLLALGVSLLCNAITGITLLRVKF
KSQQHRQGRSHHLEMVIQLLAIMCVSCICWSPFLVTMANIGINGNHSLETCETTLFALRMATWNQILDPWVYILLRKAVL
KNLYKLASQCCGVHVISLHIWELSSIKNSLKVAAISESPVAEKSASTHHHHHHGGSGGLEVLFQ
;
R
#
# COMPACT_ATOMS: atom_id res chain seq x y z
N LYS A 9 -21.67 -25.43 -17.46
CA LYS A 9 -21.32 -25.64 -16.07
C LYS A 9 -21.94 -24.56 -15.19
N ALA A 10 -22.51 -24.97 -14.06
CA ALA A 10 -23.13 -24.02 -13.14
C ALA A 10 -22.10 -23.21 -12.36
N ALA A 11 -20.90 -23.75 -12.17
CA ALA A 11 -19.87 -23.03 -11.43
C ALA A 11 -19.47 -21.76 -12.15
N VAL A 12 -19.32 -21.81 -13.47
CA VAL A 12 -18.97 -20.62 -14.23
C VAL A 12 -20.09 -19.59 -14.18
N GLU A 13 -21.35 -20.06 -14.22
CA GLU A 13 -22.46 -19.13 -14.09
C GLU A 13 -22.47 -18.43 -12.74
N ARG A 14 -22.21 -19.20 -11.67
CA ARG A 14 -22.12 -18.59 -10.34
C ARG A 14 -20.97 -17.59 -10.28
N SER A 15 -19.83 -17.93 -10.89
CA SER A 15 -18.71 -17.00 -10.92
C SER A 15 -19.07 -15.72 -11.65
N LYS A 16 -19.80 -15.83 -12.77
CA LYS A 16 -20.21 -14.64 -13.51
C LYS A 16 -21.17 -13.78 -12.69
N MET A 17 -22.11 -14.42 -11.99
CA MET A 17 -23.03 -13.66 -11.14
C MET A 17 -22.27 -12.93 -10.03
N ILE A 18 -21.31 -13.63 -9.40
CA ILE A 18 -20.53 -13.01 -8.33
C ILE A 18 -19.69 -11.87 -8.89
N GLU A 19 -19.17 -12.03 -10.11
CA GLU A 19 -18.39 -10.97 -10.73
C GLU A 19 -19.25 -9.74 -11.00
N LYS A 20 -20.49 -9.93 -11.46
CA LYS A 20 -21.38 -8.79 -11.66
C LYS A 20 -21.69 -8.11 -10.33
N GLN A 21 -21.93 -8.89 -9.28
CA GLN A 21 -22.17 -8.32 -7.96
C GLN A 21 -20.96 -7.53 -7.48
N LEU A 22 -19.76 -8.05 -7.71
CA LEU A 22 -18.54 -7.35 -7.33
C LEU A 22 -18.35 -6.07 -8.12
N GLN A 23 -18.73 -6.06 -9.40
CA GLN A 23 -18.66 -4.83 -10.18
C GLN A 23 -19.59 -3.77 -9.61
N LYS A 24 -20.82 -4.17 -9.24
CA LYS A 24 -21.73 -3.22 -8.61
C LYS A 24 -21.18 -2.73 -7.27
N ASP A 25 -20.57 -3.63 -6.50
CA ASP A 25 -19.98 -3.25 -5.23
C ASP A 25 -18.82 -2.27 -5.42
N LYS A 26 -18.00 -2.48 -6.46
CA LYS A 26 -16.95 -1.52 -6.77
C LYS A 26 -17.54 -0.17 -7.14
N GLN A 27 -18.62 -0.17 -7.92
CA GLN A 27 -19.24 1.09 -8.32
C GLN A 27 -19.72 1.87 -7.09
N VAL A 28 -20.36 1.19 -6.13
CA VAL A 28 -20.84 1.91 -4.96
C VAL A 28 -19.68 2.27 -4.03
N TYR A 29 -18.68 1.41 -3.92
CA TYR A 29 -17.56 1.62 -3.00
C TYR A 29 -16.71 2.80 -3.42
N ARG A 30 -16.48 2.96 -4.72
CA ARG A 30 -15.61 4.04 -5.19
C ARG A 30 -16.20 5.43 -4.96
N ALA A 31 -17.50 5.53 -4.67
CA ALA A 31 -18.17 6.82 -4.54
C ALA A 31 -18.31 7.28 -3.08
N THR A 32 -17.78 6.52 -2.13
CA THR A 32 -17.89 6.85 -0.72
C THR A 32 -16.50 7.20 -0.19
N HIS A 33 -16.39 8.36 0.48
CA HIS A 33 -15.11 8.84 0.99
C HIS A 33 -14.99 8.50 2.47
N ARG A 34 -13.98 7.73 2.82
CA ARG A 34 -13.77 7.29 4.20
C ARG A 34 -12.76 8.19 4.90
N LEU A 35 -13.09 8.57 6.13
CA LEU A 35 -12.25 9.44 6.94
C LEU A 35 -12.07 8.83 8.33
N LEU A 36 -10.92 9.09 8.95
CA LEU A 36 -10.61 8.55 10.27
C LEU A 36 -10.54 9.70 11.27
N LEU A 37 -11.35 9.64 12.32
CA LEU A 37 -11.41 10.70 13.31
C LEU A 37 -10.54 10.36 14.50
N LEU A 38 -9.52 11.19 14.75
CA LEU A 38 -8.60 10.97 15.85
C LEU A 38 -8.52 12.22 16.72
N GLY A 39 -8.16 12.01 17.98
CA GLY A 39 -8.03 13.10 18.92
C GLY A 39 -8.02 12.58 20.34
N ALA A 40 -7.59 13.45 21.25
CA ALA A 40 -7.55 13.09 22.65
C ALA A 40 -8.96 13.06 23.24
N ASP A 41 -9.07 12.47 24.43
CA ASP A 41 -10.36 12.38 25.10
C ASP A 41 -10.93 13.74 25.45
N ASN A 42 -10.07 14.67 25.91
CA ASN A 42 -10.54 16.00 26.28
C ASN A 42 -11.01 16.78 25.06
N SER A 43 -10.40 16.56 23.90
CA SER A 43 -10.82 17.24 22.69
C SER A 43 -12.22 16.80 22.28
N GLY A 44 -13.06 17.77 21.93
CA GLY A 44 -14.44 17.50 21.60
C GLY A 44 -14.61 16.85 20.24
N LYS A 45 -14.14 15.61 20.10
CA LYS A 45 -14.26 14.93 18.81
C LYS A 45 -15.71 14.57 18.50
N SER A 46 -16.54 14.38 19.53
CA SER A 46 -17.94 14.04 19.30
C SER A 46 -18.70 15.20 18.69
N THR A 47 -18.42 16.43 19.13
CA THR A 47 -19.17 17.59 18.67
C THR A 47 -18.92 17.91 17.21
N ILE A 48 -17.79 17.45 16.65
CA ILE A 48 -17.47 17.74 15.26
C ILE A 48 -18.43 16.99 14.32
N ILE A 68 -16.20 1.09 17.78
CA ILE A 68 -16.14 1.93 16.59
C ILE A 68 -17.47 2.63 16.37
N PHE A 69 -17.45 3.96 16.31
CA PHE A 69 -18.61 4.75 15.97
C PHE A 69 -18.46 5.27 14.54
N GLU A 70 -19.42 4.95 13.69
CA GLU A 70 -19.39 5.34 12.29
C GLU A 70 -20.47 6.38 12.03
N THR A 71 -20.05 7.55 11.55
CA THR A 71 -20.97 8.64 11.23
C THR A 71 -20.92 8.88 9.73
N LYS A 72 -22.07 8.79 9.07
CA LYS A 72 -22.17 9.01 7.63
C LYS A 72 -22.95 10.29 7.39
N PHE A 73 -22.37 11.20 6.61
CA PHE A 73 -23.05 12.43 6.25
C PHE A 73 -22.86 12.71 4.75
N GLN A 74 -23.56 13.74 4.28
CA GLN A 74 -23.62 14.05 2.87
C GLN A 74 -23.41 15.55 2.68
N VAL A 75 -22.44 15.90 1.84
CA VAL A 75 -22.15 17.30 1.50
C VAL A 75 -22.14 17.42 -0.01
N ASP A 76 -23.06 18.23 -0.55
CA ASP A 76 -23.16 18.49 -1.98
C ASP A 76 -23.22 17.19 -2.77
N LYS A 77 -24.10 16.29 -2.34
CA LYS A 77 -24.31 14.99 -2.98
C LYS A 77 -23.03 14.15 -3.00
N VAL A 78 -22.17 14.33 -1.99
CA VAL A 78 -20.97 13.53 -1.80
C VAL A 78 -21.05 12.88 -0.44
N ASN A 79 -20.78 11.57 -0.39
CA ASN A 79 -20.99 10.77 0.82
C ASN A 79 -19.68 10.62 1.57
N PHE A 80 -19.68 11.05 2.83
CA PHE A 80 -18.53 10.90 3.72
C PHE A 80 -18.89 9.93 4.85
N HIS A 81 -17.93 9.09 5.20
CA HIS A 81 -18.10 8.06 6.23
C HIS A 81 -16.90 8.17 7.18
N MET A 82 -17.14 8.66 8.39
CA MET A 82 -16.08 8.92 9.35
C MET A 82 -16.13 7.89 10.47
N PHE A 83 -15.00 7.23 10.71
CA PHE A 83 -14.89 6.19 11.73
C PHE A 83 -14.09 6.72 12.91
N ASP A 84 -14.64 6.56 14.11
CA ASP A 84 -13.98 6.94 15.35
C ASP A 84 -13.77 5.66 16.16
N VAL A 85 -12.51 5.30 16.38
CA VAL A 85 -12.15 4.05 17.03
C VAL A 85 -11.85 4.33 18.49
N GLY A 86 -12.67 3.78 19.39
CA GLY A 86 -12.46 3.98 20.80
C GLY A 86 -12.76 2.76 21.64
N GLY A 87 -12.67 1.57 21.04
CA GLY A 87 -13.02 0.36 21.75
C GLY A 87 -11.83 -0.48 22.18
N GLN A 88 -10.65 -0.20 21.63
CA GLN A 88 -9.45 -0.95 21.95
C GLN A 88 -8.60 -0.19 22.97
N ARG A 89 -7.46 -0.76 23.32
CA ARG A 89 -6.59 -0.21 24.34
C ARG A 89 -5.77 0.94 23.75
N ASP A 90 -4.87 1.49 24.58
CA ASP A 90 -4.07 2.64 24.18
C ASP A 90 -2.89 2.28 23.28
N GLU A 91 -2.55 1.00 23.17
CA GLU A 91 -1.49 0.56 22.25
C GLU A 91 -2.07 0.53 20.85
N ARG A 92 -1.76 1.55 20.05
CA ARG A 92 -2.39 1.74 18.75
C ARG A 92 -1.38 1.70 17.60
N ARG A 93 -0.24 1.04 17.79
CA ARG A 93 0.71 0.91 16.70
C ARG A 93 0.40 -0.23 15.75
N LYS A 94 -0.61 -1.05 16.06
CA LYS A 94 -0.95 -2.20 15.24
C LYS A 94 -2.27 -2.06 14.51
N TRP A 95 -3.32 -1.57 15.17
CA TRP A 95 -4.60 -1.43 14.47
C TRP A 95 -4.69 -0.17 13.64
N ILE A 96 -3.72 0.75 13.75
CA ILE A 96 -3.73 1.93 12.91
C ILE A 96 -3.42 1.55 11.46
N GLN A 97 -2.67 0.46 11.25
CA GLN A 97 -2.32 0.04 9.90
C GLN A 97 -3.53 -0.35 9.08
N CYS A 98 -4.66 -0.65 9.73
CA CYS A 98 -5.89 -0.94 9.02
C CYS A 98 -6.47 0.30 8.33
N PHE A 99 -5.96 1.49 8.64
CA PHE A 99 -6.44 2.74 8.05
C PHE A 99 -5.42 3.34 7.09
N ASN A 100 -4.76 2.47 6.31
CA ASN A 100 -3.72 2.94 5.40
C ASN A 100 -4.33 3.65 4.19
N ASP A 101 -5.47 3.19 3.70
CA ASP A 101 -6.08 3.72 2.49
C ASP A 101 -7.18 4.73 2.78
N VAL A 102 -7.29 5.20 4.03
CA VAL A 102 -8.28 6.21 4.36
C VAL A 102 -7.97 7.50 3.62
N THR A 103 -9.02 8.25 3.28
CA THR A 103 -8.83 9.48 2.52
C THR A 103 -8.11 10.54 3.35
N ALA A 104 -8.52 10.73 4.60
CA ALA A 104 -7.89 11.75 5.43
C ALA A 104 -8.09 11.40 6.90
N ILE A 105 -7.27 12.01 7.73
CA ILE A 105 -7.34 11.86 9.18
C ILE A 105 -7.77 13.20 9.75
N ILE A 106 -8.97 13.25 10.32
CA ILE A 106 -9.46 14.46 10.98
C ILE A 106 -8.92 14.44 12.40
N PHE A 107 -7.95 15.30 12.68
CA PHE A 107 -7.24 15.31 13.95
C PHE A 107 -7.73 16.50 14.77
N VAL A 108 -8.40 16.22 15.89
CA VAL A 108 -9.02 17.25 16.72
C VAL A 108 -8.13 17.48 17.94
N VAL A 109 -7.78 18.74 18.18
CA VAL A 109 -6.90 19.12 19.28
C VAL A 109 -7.61 20.15 20.14
N ASP A 110 -7.63 19.90 21.45
CA ASP A 110 -8.19 20.84 22.41
C ASP A 110 -7.14 21.91 22.69
N SER A 111 -7.23 23.02 21.96
CA SER A 111 -6.24 24.09 22.09
C SER A 111 -6.37 24.85 23.40
N SER A 112 -7.45 24.63 24.17
CA SER A 112 -7.61 25.34 25.43
C SER A 112 -6.62 24.86 26.48
N ASP A 113 -6.43 23.55 26.60
CA ASP A 113 -5.61 22.98 27.65
C ASP A 113 -4.14 23.05 27.24
N TYR A 114 -3.36 23.87 27.95
CA TYR A 114 -1.93 23.98 27.67
C TYR A 114 -1.13 22.80 28.17
N ASN A 115 -1.55 22.20 29.29
CA ASN A 115 -0.78 21.14 29.90
C ASN A 115 -0.67 19.92 28.99
N ARG A 116 -1.76 19.54 28.34
CA ARG A 116 -1.80 18.36 27.48
C ARG A 116 -1.48 18.69 26.03
N LEU A 117 -1.10 19.94 25.72
CA LEU A 117 -0.82 20.31 24.34
C LEU A 117 0.36 19.54 23.78
N GLN A 118 1.41 19.35 24.59
CA GLN A 118 2.58 18.62 24.12
C GLN A 118 2.26 17.17 23.79
N GLU A 119 1.32 16.57 24.52
CA GLU A 119 0.89 15.21 24.18
C GLU A 119 0.23 15.19 22.81
N ALA A 120 -0.60 16.17 22.51
CA ALA A 120 -1.21 16.26 21.19
C ALA A 120 -0.16 16.48 20.11
N LEU A 121 0.84 17.30 20.39
CA LEU A 121 1.92 17.50 19.42
C LEU A 121 2.68 16.21 19.16
N ASN A 122 2.96 15.44 20.21
CA ASN A 122 3.64 14.15 20.02
C ASN A 122 2.78 13.20 19.20
N ASP A 123 1.47 13.16 19.47
CA ASP A 123 0.59 12.29 18.69
C ASP A 123 0.57 12.70 17.22
N PHE A 124 0.49 14.01 16.97
CA PHE A 124 0.49 14.48 15.58
C PHE A 124 1.80 14.15 14.88
N LYS A 125 2.92 14.31 15.58
CA LYS A 125 4.22 13.99 14.99
C LYS A 125 4.33 12.50 14.67
N SER A 126 3.87 11.65 15.58
CA SER A 126 3.91 10.21 15.35
C SER A 126 3.01 9.83 14.17
N ILE A 127 1.84 10.46 14.06
CA ILE A 127 0.95 10.19 12.94
C ILE A 127 1.60 10.63 11.64
N TRP A 128 2.16 11.84 11.62
CA TRP A 128 2.72 12.39 10.39
C TRP A 128 3.92 11.59 9.90
N ASN A 129 4.78 11.16 10.82
CA ASN A 129 6.01 10.50 10.43
C ASN A 129 5.88 8.98 10.32
N ASN A 130 4.69 8.43 10.52
CA ASN A 130 4.51 7.00 10.42
C ASN A 130 4.76 6.52 8.99
N ARG A 131 5.32 5.31 8.87
CA ARG A 131 5.63 4.77 7.56
C ARG A 131 4.36 4.46 6.77
N TRP A 132 3.36 3.88 7.43
CA TRP A 132 2.12 3.52 6.75
C TRP A 132 1.13 4.67 6.61
N LEU A 133 1.34 5.76 7.35
CA LEU A 133 0.49 6.94 7.25
C LEU A 133 1.27 8.14 6.72
N ARG A 134 2.32 7.88 5.95
CA ARG A 134 3.12 8.93 5.35
C ARG A 134 2.52 9.49 4.07
N THR A 135 1.40 8.93 3.61
CA THR A 135 0.73 9.43 2.41
C THR A 135 -0.71 9.85 2.68
N ILE A 136 -1.09 10.03 3.94
CA ILE A 136 -2.45 10.40 4.32
C ILE A 136 -2.42 11.84 4.83
N SER A 137 -3.31 12.67 4.30
CA SER A 137 -3.39 14.05 4.73
C SER A 137 -4.17 14.17 6.03
N VAL A 138 -3.86 15.22 6.78
CA VAL A 138 -4.44 15.45 8.10
C VAL A 138 -5.22 16.77 8.05
N ILE A 139 -6.50 16.69 8.35
CA ILE A 139 -7.33 17.88 8.51
C ILE A 139 -7.33 18.22 9.99
N LEU A 140 -6.62 19.29 10.36
CA LEU A 140 -6.39 19.62 11.75
C LEU A 140 -7.44 20.61 12.23
N PHE A 141 -8.24 20.19 13.21
CA PHE A 141 -9.22 21.06 13.85
C PHE A 141 -8.70 21.45 15.23
N LEU A 142 -8.76 22.73 15.54
CA LEU A 142 -8.32 23.27 16.83
C LEU A 142 -9.57 23.69 17.58
N ASN A 143 -10.15 22.75 18.33
CA ASN A 143 -11.46 22.93 18.92
C ASN A 143 -11.40 23.82 20.15
N LYS A 144 -12.59 24.27 20.58
CA LYS A 144 -12.77 25.07 21.79
C LYS A 144 -11.93 26.34 21.76
N GLN A 145 -12.12 27.12 20.71
CA GLN A 145 -11.42 28.40 20.62
C GLN A 145 -11.99 29.43 21.58
N ASP A 146 -13.28 29.31 21.94
CA ASP A 146 -13.86 30.23 22.90
C ASP A 146 -13.20 30.08 24.27
N LEU A 147 -12.92 28.86 24.69
CA LEU A 147 -12.23 28.63 25.95
C LEU A 147 -10.83 29.24 25.93
N LEU A 148 -10.11 29.07 24.83
CA LEU A 148 -8.78 29.66 24.72
C LEU A 148 -8.84 31.18 24.76
N ALA A 149 -9.81 31.78 24.06
CA ALA A 149 -9.93 33.23 24.07
C ALA A 149 -10.26 33.74 25.47
N GLU A 150 -11.14 33.03 26.19
CA GLU A 150 -11.44 33.42 27.57
C GLU A 150 -10.24 33.28 28.47
N LYS A 151 -9.47 32.20 28.30
CA LYS A 151 -8.32 31.96 29.17
C LYS A 151 -7.21 33.00 28.94
N VAL A 152 -6.97 33.36 27.68
CA VAL A 152 -5.90 34.31 27.38
C VAL A 152 -6.19 35.66 28.03
N LEU A 153 -7.44 36.12 27.94
CA LEU A 153 -7.83 37.39 28.55
C LEU A 153 -7.87 37.21 30.07
N ALA A 154 -6.76 37.53 30.73
CA ALA A 154 -6.63 37.40 32.18
C ALA A 154 -6.95 35.98 32.65
N TYR A 162 4.79 27.13 30.03
CA TYR A 162 4.81 25.80 29.41
C TYR A 162 5.63 25.81 28.11
N PHE A 163 5.50 26.89 27.35
CA PHE A 163 6.25 27.04 26.09
C PHE A 163 7.10 28.30 26.17
N PRO A 164 8.39 28.18 26.51
CA PRO A 164 9.24 29.38 26.58
C PRO A 164 9.41 30.08 25.23
N GLU A 165 9.20 29.38 24.12
CA GLU A 165 9.40 29.98 22.80
C GLU A 165 8.32 31.01 22.45
N PHE A 166 7.25 31.10 23.25
CA PHE A 166 6.18 32.04 22.93
C PHE A 166 6.62 33.49 23.11
N ALA A 167 7.57 33.74 24.01
CA ALA A 167 7.98 35.11 24.29
C ALA A 167 8.58 35.79 23.06
N ARG A 168 9.45 35.08 22.34
CA ARG A 168 10.07 35.63 21.14
C ARG A 168 9.30 35.18 19.89
N TYR A 169 8.01 35.52 19.88
CA TYR A 169 7.13 35.15 18.78
C TYR A 169 6.26 36.33 18.40
N THR A 170 6.04 36.50 17.09
CA THR A 170 5.19 37.57 16.56
C THR A 170 4.20 36.96 15.58
N THR A 171 2.96 37.45 15.63
CA THR A 171 1.92 36.91 14.77
C THR A 171 2.22 37.24 13.32
N PRO A 172 1.91 36.33 12.38
CA PRO A 172 2.16 36.60 10.97
C PRO A 172 1.17 37.58 10.37
N GLU A 173 1.28 37.83 9.07
CA GLU A 173 0.36 38.72 8.36
C GLU A 173 -0.80 37.93 7.78
N ASP A 174 -1.56 37.30 8.67
CA ASP A 174 -2.69 36.45 8.29
C ASP A 174 -3.99 37.13 8.71
N ALA A 175 -5.10 36.41 8.52
CA ALA A 175 -6.42 36.95 8.80
C ALA A 175 -6.64 37.01 10.32
N THR A 176 -7.80 37.54 10.71
CA THR A 176 -8.16 37.67 12.11
C THR A 176 -9.53 37.07 12.38
N ARG A 187 -3.17 35.79 18.85
CA ARG A 187 -1.75 35.52 18.78
C ARG A 187 -1.43 34.12 19.28
N ALA A 188 -2.07 33.72 20.38
CA ALA A 188 -1.86 32.38 20.92
C ALA A 188 -2.36 31.31 19.96
N LYS A 189 -3.54 31.53 19.35
CA LYS A 189 -4.08 30.54 18.42
C LYS A 189 -3.17 30.38 17.21
N TYR A 190 -2.67 31.48 16.67
CA TYR A 190 -1.75 31.38 15.55
C TYR A 190 -0.42 30.77 15.96
N PHE A 191 -0.02 30.99 17.22
CA PHE A 191 1.19 30.34 17.73
C PHE A 191 1.03 28.82 17.76
N ILE A 192 -0.13 28.33 18.22
CA ILE A 192 -0.37 26.89 18.24
C ILE A 192 -0.46 26.35 16.82
N ARG A 193 -1.09 27.11 15.92
CA ARG A 193 -1.17 26.68 14.52
C ARG A 193 0.22 26.55 13.93
N ASP A 194 1.10 27.51 14.22
CA ASP A 194 2.48 27.43 13.72
C ASP A 194 3.24 26.28 14.37
N GLU A 195 2.95 26.00 15.64
CA GLU A 195 3.60 24.87 16.30
C GLU A 195 3.23 23.56 15.62
N PHE A 196 1.98 23.42 15.19
CA PHE A 196 1.59 22.22 14.46
C PHE A 196 2.18 22.21 13.05
N LEU A 197 2.19 23.36 12.38
CA LEU A 197 2.71 23.41 11.01
C LEU A 197 4.21 23.17 10.97
N ARG A 198 4.94 23.47 12.04
CA ARG A 198 6.37 23.18 12.07
C ARG A 198 6.61 21.68 11.91
N ILE A 199 5.87 20.87 12.67
CA ILE A 199 5.96 19.42 12.52
C ILE A 199 5.41 18.99 11.17
N SER A 200 4.36 19.66 10.69
CA SER A 200 3.76 19.28 9.41
C SER A 200 4.75 19.42 8.26
N THR A 201 5.49 20.54 8.22
CA THR A 201 6.42 20.81 7.14
C THR A 201 7.84 20.35 7.44
N ALA A 202 8.10 19.83 8.65
CA ALA A 202 9.44 19.33 8.95
C ALA A 202 9.81 18.15 8.06
N SER A 203 8.87 17.25 7.82
CA SER A 203 9.11 16.07 7.00
C SER A 203 7.91 15.83 6.10
N GLY A 204 8.14 15.06 5.05
CA GLY A 204 7.07 14.72 4.11
C GLY A 204 6.62 15.90 3.28
N ASP A 205 7.49 16.37 2.39
CA ASP A 205 7.17 17.48 1.49
C ASP A 205 6.78 16.92 0.13
N GLY A 206 5.60 17.27 -0.33
CA GLY A 206 5.10 16.80 -1.61
C GLY A 206 4.31 15.51 -1.55
N ARG A 207 4.23 14.86 -0.40
CA ARG A 207 3.48 13.62 -0.25
C ARG A 207 2.11 13.82 0.38
N HIS A 208 2.00 14.69 1.37
CA HIS A 208 0.72 14.94 2.02
C HIS A 208 0.77 16.32 2.66
N TYR A 209 -0.42 16.84 2.97
CA TYR A 209 -0.58 18.22 3.43
C TYR A 209 -1.42 18.25 4.70
N CYS A 210 -1.19 19.28 5.51
CA CYS A 210 -1.93 19.51 6.74
C CYS A 210 -2.78 20.76 6.59
N TYR A 211 -4.07 20.66 6.92
CA TYR A 211 -5.00 21.78 6.77
C TYR A 211 -5.51 22.21 8.13
N PRO A 212 -4.97 23.27 8.72
CA PRO A 212 -5.45 23.73 10.02
C PRO A 212 -6.82 24.40 9.90
N HIS A 213 -7.56 24.35 11.00
CA HIS A 213 -8.88 24.99 11.08
C HIS A 213 -9.13 25.38 12.52
N PHE A 214 -9.80 26.53 12.70
CA PHE A 214 -10.17 27.01 14.02
C PHE A 214 -11.68 26.82 14.20
N THR A 215 -12.06 25.91 15.08
CA THR A 215 -13.45 25.54 15.27
C THR A 215 -13.88 25.79 16.70
N CYS A 216 -15.05 26.37 16.87
CA CYS A 216 -15.67 26.54 18.17
C CYS A 216 -16.59 25.36 18.47
N ALA A 217 -17.11 25.34 19.70
CA ALA A 217 -18.01 24.27 20.09
C ALA A 217 -19.36 24.35 19.38
N VAL A 218 -19.72 25.52 18.85
CA VAL A 218 -21.02 25.72 18.21
C VAL A 218 -20.81 26.17 16.77
N ASP A 219 -19.72 25.75 16.15
CA ASP A 219 -19.45 26.08 14.76
C ASP A 219 -20.00 24.98 13.86
N THR A 220 -20.86 25.37 12.91
CA THR A 220 -21.55 24.41 12.06
C THR A 220 -20.95 24.31 10.66
N GLU A 221 -19.84 25.00 10.40
CA GLU A 221 -19.20 24.98 9.10
C GLU A 221 -18.12 23.90 8.98
N ASN A 222 -18.21 22.84 9.80
CA ASN A 222 -17.19 21.80 9.77
C ASN A 222 -17.32 20.91 8.53
N ALA A 223 -18.56 20.56 8.16
CA ALA A 223 -18.75 19.70 7.00
C ALA A 223 -18.25 20.36 5.73
N ARG A 224 -18.49 21.66 5.58
CA ARG A 224 -18.00 22.38 4.40
C ARG A 224 -16.48 22.37 4.34
N ARG A 225 -15.83 22.59 5.49
CA ARG A 225 -14.37 22.58 5.51
C ARG A 225 -13.83 21.19 5.18
N ILE A 226 -14.46 20.14 5.71
CA ILE A 226 -14.03 18.78 5.41
C ILE A 226 -14.18 18.51 3.91
N PHE A 227 -15.30 18.94 3.33
CA PHE A 227 -15.52 18.74 1.90
C PHE A 227 -14.47 19.47 1.07
N ASN A 228 -14.18 20.72 1.42
CA ASN A 228 -13.17 21.49 0.67
C ASN A 228 -11.80 20.85 0.79
N ASP A 229 -11.43 20.40 1.99
CA ASP A 229 -10.13 19.76 2.17
C ASP A 229 -10.05 18.46 1.39
N CYS A 230 -11.13 17.68 1.36
CA CYS A 230 -11.14 16.45 0.58
C CYS A 230 -11.03 16.75 -0.91
N LYS A 231 -11.68 17.82 -1.36
CA LYS A 231 -11.56 18.23 -2.76
C LYS A 231 -10.11 18.58 -3.11
N ASP A 232 -9.45 19.33 -2.23
CA ASP A 232 -8.05 19.67 -2.48
C ASP A 232 -7.17 18.43 -2.45
N ILE A 233 -7.46 17.48 -1.56
CA ILE A 233 -6.69 16.24 -1.50
C ILE A 233 -6.84 15.45 -2.79
N ILE A 234 -8.07 15.37 -3.31
CA ILE A 234 -8.30 14.67 -4.57
C ILE A 234 -7.57 15.37 -5.72
N LEU A 235 -7.58 16.70 -5.73
CA LEU A 235 -6.85 17.44 -6.75
C LEU A 235 -5.36 17.15 -6.67
N GLN A 236 -4.80 17.10 -5.46
CA GLN A 236 -3.39 16.80 -5.31
C GLN A 236 -3.07 15.39 -5.77
N MET A 237 -3.94 14.42 -5.46
CA MET A 237 -3.73 13.05 -5.92
C MET A 237 -3.75 12.98 -7.45
N ASN A 238 -4.69 13.69 -8.07
CA ASN A 238 -4.75 13.72 -9.54
C ASN A 238 -3.49 14.34 -10.12
N LEU A 239 -3.01 15.43 -9.52
CA LEU A 239 -1.79 16.06 -10.01
C LEU A 239 -0.59 15.13 -9.87
N ARG A 240 -0.50 14.41 -8.74
CA ARG A 240 0.60 13.47 -8.57
C ARG A 240 0.55 12.34 -9.57
N GLU A 241 -0.66 11.85 -9.88
CA GLU A 241 -0.80 10.81 -10.90
C GLU A 241 -0.42 11.33 -12.27
N TYR A 242 -0.82 12.57 -12.59
CA TYR A 242 -0.62 13.08 -13.94
C TYR A 242 0.84 13.40 -14.22
N ASN A 243 1.64 13.63 -13.19
CA ASN A 243 3.07 13.86 -13.33
C ASN A 243 3.89 12.61 -13.07
N LEU A 244 3.24 11.46 -12.89
CA LEU A 244 3.90 10.18 -12.64
C LEU A 244 4.79 10.22 -11.40
N VAL A 245 4.38 10.98 -10.39
CA VAL A 245 5.16 11.10 -9.16
C VAL A 245 5.18 9.78 -8.42
N LEU B 25 9.66 -9.12 45.13
CA LEU B 25 9.25 -10.15 44.19
C LEU B 25 10.04 -10.06 42.89
N ARG B 26 10.48 -8.85 42.55
CA ARG B 26 11.27 -8.65 41.34
C ARG B 26 12.59 -9.40 41.41
N GLN B 27 13.23 -9.39 42.60
CA GLN B 27 14.48 -10.11 42.77
C GLN B 27 14.30 -11.61 42.55
N GLU B 28 13.21 -12.18 43.08
CA GLU B 28 12.94 -13.59 42.85
C GLU B 28 12.71 -13.88 41.37
N ALA B 29 11.97 -13.00 40.69
CA ALA B 29 11.75 -13.19 39.26
C ALA B 29 13.07 -13.17 38.50
N GLU B 30 13.97 -12.25 38.86
CA GLU B 30 15.28 -12.22 38.24
C GLU B 30 16.07 -13.50 38.55
N GLN B 31 15.93 -14.02 39.77
CA GLN B 31 16.65 -15.24 40.14
C GLN B 31 16.19 -16.42 39.29
N LEU B 32 14.88 -16.61 39.16
CA LEU B 32 14.40 -17.69 38.30
C LEU B 32 14.72 -17.45 36.83
N LYS B 33 14.73 -16.19 36.37
CA LYS B 33 15.13 -15.93 35.00
C LYS B 33 16.58 -16.32 34.76
N ASN B 34 17.46 -15.99 35.71
CA ASN B 34 18.86 -16.37 35.59
C ASN B 34 19.03 -17.88 35.63
N GLN B 35 18.26 -18.55 36.50
CA GLN B 35 18.32 -20.01 36.55
C GLN B 35 17.87 -20.64 35.23
N ILE B 36 16.79 -20.11 34.64
CA ILE B 36 16.31 -20.62 33.36
C ILE B 36 17.36 -20.40 32.28
N ARG B 37 17.97 -19.21 32.24
CA ARG B 37 18.99 -18.93 31.23
C ARG B 37 20.18 -19.87 31.40
N ASP B 38 20.61 -20.11 32.65
CA ASP B 38 21.73 -21.01 32.89
C ASP B 38 21.39 -22.43 32.46
N ALA B 39 20.18 -22.90 32.76
CA ALA B 39 19.77 -24.24 32.35
C ALA B 39 19.73 -24.36 30.83
N ARG B 40 19.22 -23.33 30.15
CA ARG B 40 19.19 -23.34 28.69
C ARG B 40 20.59 -23.37 28.10
N LYS B 41 21.50 -22.57 28.67
CA LYS B 41 22.87 -22.55 28.18
C LYS B 41 23.56 -23.90 28.40
N ALA B 42 23.33 -24.51 29.56
CA ALA B 42 23.92 -25.82 29.82
C ALA B 42 23.35 -26.88 28.89
N CYS B 43 22.06 -26.81 28.59
CA CYS B 43 21.43 -27.80 27.72
C CYS B 43 21.94 -27.72 26.30
N ALA B 44 22.30 -26.53 25.83
CA ALA B 44 22.75 -26.33 24.46
C ALA B 44 24.25 -26.60 24.39
N ASP B 45 24.62 -27.73 23.78
CA ASP B 45 26.01 -28.10 23.59
C ASP B 45 26.50 -27.83 22.17
N ALA B 46 25.67 -28.08 21.16
CA ALA B 46 26.01 -27.84 19.77
C ALA B 46 24.97 -26.90 19.16
N THR B 47 25.11 -26.65 17.86
CA THR B 47 24.20 -25.78 17.13
C THR B 47 23.64 -26.53 15.92
N LEU B 48 22.48 -26.07 15.46
CA LEU B 48 21.86 -26.67 14.28
C LEU B 48 22.71 -26.47 13.05
N SER B 49 23.35 -25.30 12.92
CA SER B 49 24.18 -25.03 11.76
C SER B 49 25.38 -25.97 11.71
N GLN B 50 25.98 -26.27 12.88
CA GLN B 50 27.10 -27.19 12.93
C GLN B 50 26.69 -28.59 12.47
N ILE B 51 25.52 -29.04 12.88
CA ILE B 51 25.05 -30.36 12.47
C ILE B 51 24.71 -30.37 10.98
N THR B 52 24.08 -29.31 10.49
CA THR B 52 23.70 -29.22 9.08
C THR B 52 24.82 -28.59 8.25
N ASN B 53 25.98 -29.25 8.28
CA ASN B 53 27.13 -28.83 7.49
C ASN B 53 27.60 -29.87 6.50
N ASN B 54 27.22 -31.14 6.66
CA ASN B 54 27.63 -32.21 5.76
C ASN B 54 26.51 -32.68 4.85
N ILE B 55 25.38 -31.97 4.82
CA ILE B 55 24.23 -32.37 4.01
C ILE B 55 24.23 -31.53 2.73
N ASP B 56 23.60 -32.08 1.70
CA ASP B 56 23.53 -31.38 0.41
C ASP B 56 22.57 -30.20 0.53
N PRO B 57 22.93 -29.03 0.03
CA PRO B 57 22.01 -27.89 0.09
C PRO B 57 20.94 -27.98 -0.99
N VAL B 58 19.78 -27.39 -0.69
CA VAL B 58 18.69 -27.33 -1.65
C VAL B 58 19.08 -26.40 -2.79
N GLY B 59 18.88 -26.85 -4.02
CA GLY B 59 19.22 -26.04 -5.17
C GLY B 59 18.36 -24.79 -5.26
N ARG B 60 18.72 -23.91 -6.19
CA ARG B 60 18.01 -22.66 -6.37
C ARG B 60 16.56 -22.93 -6.73
N ILE B 61 15.65 -22.61 -5.82
CA ILE B 61 14.23 -22.87 -6.02
C ILE B 61 13.61 -21.67 -6.73
N GLN B 62 13.00 -21.93 -7.88
CA GLN B 62 12.33 -20.91 -8.68
C GLN B 62 10.89 -21.35 -8.90
N MET B 63 9.98 -20.83 -8.07
CA MET B 63 8.58 -21.17 -8.14
C MET B 63 7.84 -20.15 -8.99
N ARG B 64 7.09 -20.62 -9.96
CA ARG B 64 6.39 -19.76 -10.90
C ARG B 64 4.92 -19.61 -10.51
N THR B 65 4.35 -18.46 -10.86
CA THR B 65 2.95 -18.18 -10.60
C THR B 65 2.10 -18.93 -11.61
N ARG B 66 1.24 -19.82 -11.10
CA ARG B 66 0.35 -20.59 -11.98
C ARG B 66 -1.03 -19.99 -12.10
N ARG B 67 -1.60 -19.48 -11.00
CA ARG B 67 -2.91 -18.85 -11.03
C ARG B 67 -2.85 -17.52 -10.30
N THR B 68 -3.60 -16.55 -10.81
CA THR B 68 -3.81 -15.29 -10.12
C THR B 68 -5.31 -15.06 -10.01
N LEU B 69 -5.75 -14.61 -8.84
CA LEU B 69 -7.17 -14.46 -8.53
C LEU B 69 -7.47 -12.98 -8.34
N ARG B 70 -8.42 -12.47 -9.12
CA ARG B 70 -8.80 -11.07 -9.09
C ARG B 70 -10.27 -10.93 -8.70
N GLY B 71 -10.61 -9.78 -8.12
CA GLY B 71 -11.97 -9.53 -7.72
C GLY B 71 -12.08 -8.74 -6.43
N HIS B 72 -11.01 -8.72 -5.64
CA HIS B 72 -11.01 -7.96 -4.40
C HIS B 72 -10.78 -6.48 -4.71
N LEU B 73 -11.68 -5.63 -4.21
CA LEU B 73 -11.64 -4.22 -4.53
C LEU B 73 -10.56 -3.47 -3.76
N ALA B 74 -10.08 -4.02 -2.65
CA ALA B 74 -9.11 -3.34 -1.81
C ALA B 74 -8.07 -4.34 -1.33
N LYS B 75 -7.25 -3.93 -0.37
CA LYS B 75 -6.15 -4.75 0.10
C LYS B 75 -6.66 -6.01 0.80
N ILE B 76 -5.96 -7.11 0.60
CA ILE B 76 -6.29 -8.38 1.23
C ILE B 76 -5.58 -8.46 2.58
N TYR B 77 -6.32 -8.77 3.62
CA TYR B 77 -5.77 -8.76 4.98
C TYR B 77 -5.40 -10.15 5.50
N ALA B 78 -6.09 -11.19 5.06
CA ALA B 78 -5.78 -12.54 5.50
C ALA B 78 -6.38 -13.55 4.53
N MET B 79 -5.93 -14.79 4.65
CA MET B 79 -6.44 -15.90 3.84
C MET B 79 -6.19 -17.20 4.57
N HIS B 80 -6.89 -18.25 4.14
CA HIS B 80 -6.73 -19.57 4.73
C HIS B 80 -7.09 -20.64 3.72
N TRP B 81 -6.19 -21.59 3.52
CA TRP B 81 -6.44 -22.70 2.62
C TRP B 81 -7.48 -23.65 3.21
N GLY B 82 -8.19 -24.34 2.33
CA GLY B 82 -9.09 -25.38 2.78
C GLY B 82 -8.38 -26.69 3.03
N THR B 83 -9.02 -27.54 3.83
CA THR B 83 -8.45 -28.85 4.14
C THR B 83 -8.56 -29.83 2.99
N ASP B 84 -9.31 -29.49 1.94
CA ASP B 84 -9.41 -30.32 0.74
C ASP B 84 -8.38 -29.91 -0.31
N SER B 85 -7.49 -28.97 0.01
CA SER B 85 -6.39 -28.52 -0.84
C SER B 85 -6.85 -27.82 -2.10
N ARG B 86 -8.15 -27.54 -2.24
CA ARG B 86 -8.67 -26.93 -3.46
C ARG B 86 -9.25 -25.55 -3.23
N LEU B 87 -10.20 -25.40 -2.32
CA LEU B 87 -10.86 -24.12 -2.10
C LEU B 87 -10.10 -23.31 -1.05
N LEU B 88 -10.20 -21.99 -1.15
CA LEU B 88 -9.58 -21.11 -0.18
C LEU B 88 -10.49 -19.91 0.06
N VAL B 89 -10.20 -19.17 1.13
CA VAL B 89 -11.00 -18.02 1.52
C VAL B 89 -10.07 -16.84 1.74
N SER B 90 -10.54 -15.65 1.39
CA SER B 90 -9.72 -14.45 1.52
C SER B 90 -10.60 -13.27 1.90
N ALA B 91 -10.15 -12.47 2.85
CA ALA B 91 -10.88 -11.31 3.35
C ALA B 91 -10.15 -10.04 2.95
N SER B 92 -10.91 -9.04 2.51
CA SER B 92 -10.31 -7.79 2.05
C SER B 92 -10.89 -6.60 2.81
N GLN B 93 -10.32 -5.43 2.54
CA GLN B 93 -10.68 -4.22 3.25
C GLN B 93 -12.09 -3.73 2.92
N ASP B 94 -12.60 -4.07 1.75
CA ASP B 94 -13.92 -3.61 1.32
C ASP B 94 -15.06 -4.36 2.02
N GLY B 95 -14.78 -5.09 3.09
CA GLY B 95 -15.79 -5.88 3.76
C GLY B 95 -16.28 -7.05 2.94
N LYS B 96 -15.37 -7.71 2.23
CA LYS B 96 -15.70 -8.85 1.38
C LYS B 96 -14.90 -10.07 1.83
N LEU B 97 -15.59 -11.20 1.95
CA LEU B 97 -14.97 -12.49 2.27
C LEU B 97 -15.28 -13.41 1.09
N ILE B 98 -14.30 -13.61 0.21
CA ILE B 98 -14.50 -14.33 -1.03
C ILE B 98 -13.89 -15.72 -0.90
N ILE B 99 -14.66 -16.74 -1.25
CA ILE B 99 -14.21 -18.13 -1.25
C ILE B 99 -14.00 -18.53 -2.71
N TRP B 100 -12.74 -18.76 -3.07
CA TRP B 100 -12.34 -19.11 -4.42
C TRP B 100 -12.12 -20.61 -4.57
N ASP B 101 -12.39 -21.11 -5.77
CA ASP B 101 -11.95 -22.41 -6.22
C ASP B 101 -10.62 -22.22 -6.95
N SER B 102 -9.53 -22.68 -6.33
CA SER B 102 -8.21 -22.36 -6.84
C SER B 102 -7.94 -23.00 -8.20
N TYR B 103 -8.45 -24.22 -8.43
CA TYR B 103 -8.08 -24.97 -9.63
C TYR B 103 -8.54 -24.24 -10.89
N THR B 104 -9.81 -23.87 -10.96
CA THR B 104 -10.37 -23.25 -12.16
C THR B 104 -10.47 -21.75 -12.07
N THR B 105 -10.07 -21.14 -10.95
CA THR B 105 -10.08 -19.70 -10.67
C THR B 105 -11.52 -19.20 -10.46
N ASN B 106 -12.52 -20.03 -10.71
CA ASN B 106 -13.91 -19.62 -10.58
C ASN B 106 -14.24 -19.33 -9.13
N LYS B 107 -14.97 -18.25 -8.89
CA LYS B 107 -15.36 -17.87 -7.54
C LYS B 107 -16.54 -18.72 -7.09
N VAL B 108 -16.48 -19.20 -5.85
CA VAL B 108 -17.52 -20.04 -5.29
C VAL B 108 -18.47 -19.25 -4.41
N HIS B 109 -17.93 -18.42 -3.52
CA HIS B 109 -18.78 -17.68 -2.58
C HIS B 109 -18.26 -16.26 -2.41
N ALA B 110 -19.16 -15.36 -2.01
CA ALA B 110 -18.79 -13.99 -1.67
C ALA B 110 -19.73 -13.52 -0.57
N ILE B 111 -19.19 -13.34 0.64
CA ILE B 111 -19.98 -12.99 1.82
C ILE B 111 -19.66 -11.54 2.18
N PRO B 112 -20.66 -10.67 2.28
CA PRO B 112 -20.42 -9.33 2.81
C PRO B 112 -20.39 -9.33 4.33
N LEU B 113 -19.48 -8.55 4.89
CA LEU B 113 -19.34 -8.44 6.34
C LEU B 113 -20.05 -7.21 6.87
N ARG B 114 -20.47 -7.29 8.14
CA ARG B 114 -21.10 -6.14 8.78
C ARG B 114 -20.10 -4.99 8.92
N SER B 115 -18.85 -5.30 9.21
CA SER B 115 -17.79 -4.32 9.33
C SER B 115 -16.72 -4.57 8.28
N SER B 116 -16.14 -3.50 7.76
CA SER B 116 -15.12 -3.58 6.72
C SER B 116 -13.71 -3.46 7.26
N TRP B 117 -13.48 -3.85 8.51
CA TRP B 117 -12.18 -3.80 9.15
C TRP B 117 -11.73 -5.20 9.58
N VAL B 118 -11.88 -6.18 8.69
CA VAL B 118 -11.53 -7.54 9.01
C VAL B 118 -10.01 -7.71 9.00
N MET B 119 -9.50 -8.41 10.02
CA MET B 119 -8.06 -8.63 10.17
C MET B 119 -7.66 -10.09 10.05
N THR B 120 -8.60 -11.02 9.99
CA THR B 120 -8.27 -12.44 9.92
C THR B 120 -9.46 -13.20 9.35
N CYS B 121 -9.18 -14.45 8.94
CA CYS B 121 -10.22 -15.34 8.46
C CYS B 121 -9.75 -16.78 8.67
N ALA B 122 -10.69 -17.71 8.59
CA ALA B 122 -10.38 -19.11 8.82
C ALA B 122 -11.33 -19.98 8.02
N TYR B 123 -10.93 -21.23 7.82
CA TYR B 123 -11.71 -22.23 7.11
C TYR B 123 -11.84 -23.47 7.99
N ALA B 124 -13.07 -23.90 8.22
CA ALA B 124 -13.28 -25.05 9.08
C ALA B 124 -12.71 -26.32 8.42
N PRO B 125 -12.15 -27.23 9.20
CA PRO B 125 -11.59 -28.45 8.60
C PRO B 125 -12.62 -29.26 7.83
N SER B 126 -13.88 -29.27 8.29
CA SER B 126 -14.92 -29.97 7.56
C SER B 126 -15.36 -29.21 6.32
N GLY B 127 -15.03 -27.92 6.22
CA GLY B 127 -15.40 -27.13 5.07
C GLY B 127 -16.81 -26.57 5.09
N ASN B 128 -17.51 -26.65 6.22
CA ASN B 128 -18.88 -26.17 6.31
C ASN B 128 -19.01 -24.79 6.92
N TYR B 129 -18.01 -24.32 7.66
CA TYR B 129 -18.10 -23.07 8.41
C TYR B 129 -16.90 -22.20 8.07
N VAL B 130 -17.11 -20.88 8.10
CA VAL B 130 -16.03 -19.93 7.84
C VAL B 130 -16.11 -18.80 8.85
N ALA B 131 -14.99 -18.47 9.48
CA ALA B 131 -14.97 -17.46 10.53
C ALA B 131 -14.07 -16.30 10.15
N CYS B 132 -14.42 -15.11 10.66
CA CYS B 132 -13.59 -13.93 10.49
C CYS B 132 -13.84 -12.99 11.66
N GLY B 133 -13.17 -11.84 11.63
CA GLY B 133 -13.31 -10.87 12.69
C GLY B 133 -12.32 -9.75 12.49
N GLY B 134 -12.39 -8.77 13.38
CA GLY B 134 -11.50 -7.62 13.25
C GLY B 134 -11.63 -6.57 14.33
N LEU B 135 -11.65 -5.31 13.92
CA LEU B 135 -11.64 -4.18 14.86
C LEU B 135 -12.92 -4.09 15.68
N ASP B 136 -13.96 -4.82 15.33
CA ASP B 136 -15.22 -4.77 16.07
C ASP B 136 -15.23 -5.68 17.29
N ASN B 137 -14.15 -6.44 17.53
CA ASN B 137 -14.05 -7.36 18.66
C ASN B 137 -15.11 -8.45 18.62
N ILE B 138 -15.52 -8.84 17.42
CA ILE B 138 -16.53 -9.86 17.21
C ILE B 138 -15.94 -10.95 16.32
N CYS B 139 -16.12 -12.20 16.72
CA CYS B 139 -15.75 -13.35 15.89
C CYS B 139 -17.02 -13.84 15.20
N SER B 140 -17.16 -13.51 13.92
CA SER B 140 -18.34 -13.88 13.15
C SER B 140 -18.10 -15.23 12.50
N ILE B 141 -19.07 -16.13 12.61
CA ILE B 141 -18.99 -17.48 12.08
C ILE B 141 -20.17 -17.69 11.15
N TYR B 142 -19.88 -17.89 9.87
CA TYR B 142 -20.88 -18.06 8.82
C TYR B 142 -21.00 -19.52 8.45
N ASN B 143 -22.23 -19.96 8.20
CA ASN B 143 -22.52 -21.33 7.81
C ASN B 143 -22.61 -21.40 6.29
N LEU B 144 -21.83 -22.30 5.70
CA LEU B 144 -21.83 -22.50 4.25
C LEU B 144 -22.80 -23.59 3.82
N LYS B 145 -23.53 -24.19 4.74
CA LYS B 145 -24.48 -25.26 4.44
C LYS B 145 -23.81 -26.41 3.69
N VAL B 151 -25.61 -17.91 2.28
CA VAL B 151 -24.69 -18.00 3.40
C VAL B 151 -25.05 -16.97 4.46
N ARG B 152 -25.80 -17.41 5.47
CA ARG B 152 -26.24 -16.55 6.56
C ARG B 152 -25.29 -16.71 7.74
N VAL B 153 -25.12 -15.61 8.49
CA VAL B 153 -24.25 -15.66 9.66
C VAL B 153 -24.86 -16.58 10.69
N SER B 154 -24.04 -17.50 11.21
CA SER B 154 -24.51 -18.52 12.13
C SER B 154 -24.24 -18.18 13.59
N ARG B 155 -23.16 -17.47 13.88
CA ARG B 155 -22.85 -17.17 15.27
C ARG B 155 -21.99 -15.91 15.34
N GLU B 156 -22.08 -15.22 16.47
CA GLU B 156 -21.25 -14.05 16.75
C GLU B 156 -20.70 -14.19 18.15
N LEU B 157 -19.44 -14.58 18.26
CA LEU B 157 -18.77 -14.70 19.55
C LEU B 157 -18.25 -13.32 19.96
N ALA B 158 -18.81 -12.77 21.03
CA ALA B 158 -18.53 -11.41 21.47
C ALA B 158 -18.17 -11.42 22.95
N GLY B 159 -16.88 -11.63 23.24
CA GLY B 159 -16.43 -11.61 24.62
C GLY B 159 -15.10 -10.89 24.81
N HIS B 160 -14.49 -10.45 23.71
CA HIS B 160 -13.19 -9.83 23.77
C HIS B 160 -13.31 -8.33 23.98
N THR B 161 -12.22 -7.73 24.46
CA THR B 161 -12.15 -6.30 24.71
C THR B 161 -11.34 -5.55 23.65
N GLY B 162 -10.41 -6.22 22.98
CA GLY B 162 -9.63 -5.59 21.93
C GLY B 162 -9.90 -6.27 20.60
N TYR B 163 -9.21 -5.79 19.57
CA TYR B 163 -9.40 -6.32 18.23
C TYR B 163 -8.98 -7.78 18.18
N LEU B 164 -9.74 -8.59 17.42
CA LEU B 164 -9.42 -9.99 17.22
C LEU B 164 -8.44 -10.12 16.06
N SER B 165 -7.29 -10.73 16.30
CA SER B 165 -6.21 -10.74 15.33
C SER B 165 -6.09 -12.05 14.56
N CYS B 166 -6.46 -13.18 15.15
CA CYS B 166 -6.37 -14.45 14.46
C CYS B 166 -7.30 -15.45 15.14
N CYS B 167 -7.98 -16.25 14.31
CA CYS B 167 -8.88 -17.28 14.82
C CYS B 167 -8.65 -18.55 14.01
N ARG B 168 -8.55 -19.68 14.72
CA ARG B 168 -8.31 -20.97 14.09
C ARG B 168 -9.38 -21.96 14.55
N PHE B 169 -9.73 -22.88 13.66
CA PHE B 169 -10.80 -23.83 13.92
C PHE B 169 -10.24 -25.14 14.46
N LEU B 170 -10.71 -25.54 15.63
CA LEU B 170 -10.39 -26.87 16.16
C LEU B 170 -11.37 -27.92 15.67
N ASP B 171 -12.63 -27.53 15.49
CA ASP B 171 -13.72 -28.44 15.16
C ASP B 171 -14.92 -27.57 14.79
N ASP B 172 -15.99 -28.22 14.32
CA ASP B 172 -17.19 -27.47 13.99
C ASP B 172 -17.91 -26.93 15.21
N ASN B 173 -17.52 -27.34 16.42
CA ASN B 173 -18.13 -26.87 17.64
C ASN B 173 -17.20 -26.06 18.53
N GLN B 174 -15.91 -25.99 18.21
CA GLN B 174 -14.94 -25.29 19.02
C GLN B 174 -14.07 -24.41 18.12
N ILE B 175 -13.57 -23.31 18.69
CA ILE B 175 -12.71 -22.39 17.96
C ILE B 175 -11.75 -21.75 18.95
N VAL B 176 -10.57 -21.38 18.46
CA VAL B 176 -9.56 -20.70 19.28
C VAL B 176 -9.26 -19.36 18.63
N THR B 177 -9.35 -18.29 19.42
CA THR B 177 -9.12 -16.94 18.95
C THR B 177 -8.05 -16.26 19.79
N SER B 178 -7.41 -15.25 19.22
CA SER B 178 -6.46 -14.42 19.92
C SER B 178 -6.83 -12.96 19.69
N SER B 179 -6.79 -12.15 20.74
CA SER B 179 -7.24 -10.78 20.63
C SER B 179 -6.11 -9.81 20.93
N GLY B 180 -6.38 -8.54 20.69
CA GLY B 180 -5.45 -7.47 21.01
C GLY B 180 -5.45 -7.03 22.44
N ASP B 181 -6.30 -7.63 23.28
CA ASP B 181 -6.30 -7.35 24.72
C ASP B 181 -5.42 -8.31 25.51
N THR B 182 -4.36 -8.82 24.86
CA THR B 182 -3.36 -9.67 25.50
C THR B 182 -3.93 -10.99 26.01
N THR B 183 -4.99 -11.49 25.37
CA THR B 183 -5.59 -12.76 25.79
C THR B 183 -5.97 -13.59 24.59
N CYS B 184 -5.93 -14.91 24.79
CA CYS B 184 -6.50 -15.87 23.85
C CYS B 184 -7.72 -16.53 24.49
N ALA B 185 -8.51 -17.21 23.66
CA ALA B 185 -9.74 -17.79 24.15
C ALA B 185 -10.08 -19.04 23.35
N LEU B 186 -10.74 -19.98 24.02
CA LEU B 186 -11.31 -21.18 23.40
C LEU B 186 -12.81 -21.09 23.58
N TRP B 187 -13.52 -20.90 22.47
CA TRP B 187 -14.96 -20.73 22.44
C TRP B 187 -15.65 -22.01 22.01
N ASP B 188 -16.79 -22.29 22.66
CA ASP B 188 -17.72 -23.32 22.21
C ASP B 188 -18.74 -22.65 21.31
N ILE B 189 -18.78 -23.06 20.03
CA ILE B 189 -19.58 -22.34 19.05
C ILE B 189 -21.07 -22.49 19.31
N GLU B 190 -21.51 -23.70 19.67
CA GLU B 190 -22.94 -23.97 19.75
C GLU B 190 -23.61 -23.14 20.84
N THR B 191 -22.88 -22.79 21.89
CA THR B 191 -23.40 -21.95 22.97
C THR B 191 -23.09 -20.48 22.78
N GLY B 192 -21.89 -20.16 22.30
CA GLY B 192 -21.48 -18.78 22.16
C GLY B 192 -20.78 -18.22 23.38
N GLN B 193 -20.23 -19.08 24.23
CA GLN B 193 -19.59 -18.65 25.47
C GLN B 193 -18.11 -19.00 25.43
N GLN B 194 -17.34 -18.26 26.23
CA GLN B 194 -15.89 -18.45 26.33
C GLN B 194 -15.62 -19.64 27.24
N THR B 195 -15.38 -20.81 26.64
CA THR B 195 -15.13 -22.00 27.43
C THR B 195 -13.85 -21.86 28.24
N THR B 196 -12.79 -21.35 27.63
CA THR B 196 -11.52 -21.17 28.34
C THR B 196 -10.88 -19.87 27.93
N THR B 197 -10.11 -19.28 28.84
CA THR B 197 -9.36 -18.05 28.56
C THR B 197 -7.90 -18.25 28.92
N PHE B 198 -7.01 -17.79 28.04
CA PHE B 198 -5.58 -17.91 28.21
C PHE B 198 -5.00 -16.52 28.42
N THR B 199 -4.36 -16.31 29.57
CA THR B 199 -3.76 -15.04 29.95
C THR B 199 -2.29 -15.24 30.26
N GLY B 200 -1.53 -14.15 30.18
CA GLY B 200 -0.11 -14.20 30.43
C GLY B 200 0.69 -13.30 29.51
N HIS B 201 0.13 -12.99 28.35
CA HIS B 201 0.79 -12.08 27.43
C HIS B 201 0.75 -10.66 27.98
N THR B 202 1.84 -9.92 27.76
CA THR B 202 1.93 -8.53 28.19
C THR B 202 1.69 -7.55 27.06
N GLY B 203 1.36 -8.02 25.87
CA GLY B 203 1.10 -7.17 24.73
C GLY B 203 0.07 -7.80 23.83
N ASP B 204 -0.30 -7.07 22.78
CA ASP B 204 -1.33 -7.54 21.86
C ASP B 204 -0.86 -8.82 21.16
N VAL B 205 -1.73 -9.83 21.16
CA VAL B 205 -1.43 -11.10 20.51
C VAL B 205 -1.73 -10.98 19.03
N MET B 206 -0.75 -11.29 18.19
CA MET B 206 -0.87 -11.05 16.75
C MET B 206 -1.18 -12.31 15.95
N SER B 207 -0.65 -13.46 16.33
CA SER B 207 -0.89 -14.67 15.56
C SER B 207 -0.80 -15.89 16.46
N LEU B 208 -1.42 -16.98 16.01
CA LEU B 208 -1.36 -18.24 16.72
C LEU B 208 -1.33 -19.37 15.69
N SER B 209 -0.77 -20.51 16.11
CA SER B 209 -0.69 -21.68 15.25
C SER B 209 -1.07 -22.91 16.07
N LEU B 210 -1.85 -23.79 15.46
CA LEU B 210 -2.30 -25.01 16.12
C LEU B 210 -1.40 -26.17 15.76
N ALA B 211 -1.02 -26.95 16.78
CA ALA B 211 -0.24 -28.15 16.53
C ALA B 211 -1.08 -29.18 15.78
N PRO B 212 -0.43 -30.03 14.99
CA PRO B 212 -1.19 -31.06 14.26
C PRO B 212 -1.98 -31.98 15.18
N ASP B 213 -1.50 -32.23 16.39
CA ASP B 213 -2.25 -33.04 17.35
C ASP B 213 -3.52 -32.37 17.84
N THR B 214 -3.66 -31.05 17.61
CA THR B 214 -4.84 -30.28 18.01
C THR B 214 -5.08 -30.34 19.51
N ARG B 215 -4.01 -30.47 20.29
CA ARG B 215 -4.08 -30.42 21.75
C ARG B 215 -3.22 -29.34 22.36
N LEU B 216 -2.23 -28.83 21.64
CA LEU B 216 -1.35 -27.76 22.09
C LEU B 216 -1.30 -26.70 21.00
N PHE B 217 -1.00 -25.46 21.38
CA PHE B 217 -0.81 -24.43 20.37
C PHE B 217 0.16 -23.38 20.88
N VAL B 218 0.50 -22.45 19.99
CA VAL B 218 1.45 -21.38 20.29
C VAL B 218 0.81 -20.04 19.97
N SER B 219 1.32 -19.01 20.62
CA SER B 219 0.82 -17.65 20.41
C SER B 219 1.97 -16.68 20.44
N GLY B 220 2.03 -15.79 19.45
CA GLY B 220 3.03 -14.74 19.38
C GLY B 220 2.36 -13.39 19.62
N ALA B 221 3.03 -12.53 20.38
CA ALA B 221 2.44 -11.27 20.81
C ALA B 221 3.35 -10.11 20.44
N CYS B 222 2.86 -8.90 20.71
CA CYS B 222 3.66 -7.69 20.54
C CYS B 222 4.53 -7.49 21.78
N ASP B 223 5.28 -8.52 22.13
CA ASP B 223 6.09 -8.52 23.34
C ASP B 223 7.46 -9.15 23.07
N ALA B 224 7.72 -9.57 21.83
CA ALA B 224 8.93 -10.30 21.46
C ALA B 224 9.05 -11.60 22.24
N SER B 225 7.92 -12.26 22.49
CA SER B 225 7.89 -13.52 23.21
C SER B 225 6.74 -14.36 22.70
N ALA B 226 7.05 -15.60 22.33
CA ALA B 226 6.06 -16.58 21.96
C ALA B 226 5.80 -17.48 23.17
N LYS B 227 4.59 -18.03 23.25
CA LYS B 227 4.22 -18.87 24.37
C LYS B 227 3.51 -20.11 23.87
N LEU B 228 3.57 -21.17 24.66
CA LEU B 228 2.92 -22.44 24.36
C LEU B 228 1.80 -22.70 25.35
N TRP B 229 0.59 -22.88 24.84
CA TRP B 229 -0.59 -23.12 25.65
C TRP B 229 -1.10 -24.54 25.44
N ASP B 230 -1.53 -25.16 26.54
CA ASP B 230 -2.23 -26.44 26.48
C ASP B 230 -3.73 -26.17 26.44
N VAL B 231 -4.40 -26.68 25.40
CA VAL B 231 -5.80 -26.36 25.19
C VAL B 231 -6.65 -26.90 26.34
N ARG B 232 -6.43 -28.16 26.70
CA ARG B 232 -7.23 -28.78 27.76
C ARG B 232 -6.90 -28.19 29.13
N GLU B 233 -5.61 -28.08 29.45
CA GLU B 233 -5.22 -27.58 30.77
C GLU B 233 -5.51 -26.10 30.92
N GLY B 234 -5.26 -25.31 29.88
CA GLY B 234 -5.49 -23.88 29.92
C GLY B 234 -4.40 -23.06 30.55
N MET B 235 -3.23 -23.63 30.79
CA MET B 235 -2.12 -22.93 31.41
C MET B 235 -0.91 -22.94 30.48
N CYS B 236 -0.16 -21.84 30.51
CA CYS B 236 1.03 -21.73 29.67
C CYS B 236 2.11 -22.70 30.17
N ARG B 237 2.67 -23.47 29.24
CA ARG B 237 3.70 -24.43 29.58
C ARG B 237 5.10 -23.81 29.50
N GLN B 238 5.44 -23.24 28.35
CA GLN B 238 6.75 -22.64 28.14
C GLN B 238 6.61 -21.30 27.44
N THR B 239 7.60 -20.43 27.64
CA THR B 239 7.70 -19.17 26.93
C THR B 239 9.09 -19.07 26.31
N PHE B 240 9.13 -18.76 25.02
CA PHE B 240 10.37 -18.59 24.28
C PHE B 240 10.51 -17.12 23.93
N THR B 241 11.61 -16.51 24.36
CA THR B 241 11.86 -15.08 24.12
C THR B 241 13.31 -14.90 23.67
N GLY B 242 13.48 -14.70 22.37
CA GLY B 242 14.79 -14.41 21.81
C GLY B 242 14.72 -13.26 20.81
N HIS B 243 13.50 -12.86 20.45
CA HIS B 243 13.32 -11.83 19.45
C HIS B 243 13.69 -10.45 20.02
N GLU B 244 13.56 -9.44 19.18
CA GLU B 244 13.86 -8.07 19.56
C GLU B 244 12.69 -7.11 19.42
N SER B 245 11.68 -7.46 18.64
CA SER B 245 10.56 -6.56 18.39
C SER B 245 9.28 -7.39 18.31
N ASP B 246 8.20 -6.75 17.88
CA ASP B 246 6.90 -7.41 17.85
C ASP B 246 6.91 -8.57 16.86
N ILE B 247 6.21 -9.65 17.22
CA ILE B 247 6.09 -10.83 16.38
C ILE B 247 4.78 -10.71 15.59
N ASN B 248 4.89 -10.75 14.27
CA ASN B 248 3.72 -10.54 13.42
C ASN B 248 3.10 -11.84 12.93
N ALA B 249 3.83 -12.95 12.94
CA ALA B 249 3.31 -14.20 12.42
C ALA B 249 4.00 -15.36 13.12
N ILE B 250 3.38 -16.52 13.03
CA ILE B 250 3.87 -17.73 13.67
C ILE B 250 3.35 -18.94 12.90
N CYS B 251 4.16 -20.00 12.85
CA CYS B 251 3.76 -21.23 12.21
C CYS B 251 4.43 -22.39 12.94
N PHE B 252 3.86 -23.58 12.78
CA PHE B 252 4.26 -24.74 13.54
C PHE B 252 4.94 -25.75 12.63
N PHE B 253 5.97 -26.41 13.13
CA PHE B 253 6.68 -27.41 12.34
C PHE B 253 5.75 -28.58 12.02
N PRO B 254 5.92 -29.22 10.85
CA PRO B 254 5.02 -30.31 10.49
C PRO B 254 4.98 -31.46 11.48
N ASN B 255 6.10 -31.79 12.13
CA ASN B 255 6.12 -32.90 13.07
C ASN B 255 5.66 -32.51 14.45
N GLY B 256 5.41 -31.22 14.70
CA GLY B 256 4.81 -30.78 15.94
C GLY B 256 5.77 -30.56 17.10
N ASN B 257 7.08 -30.49 16.84
CA ASN B 257 8.06 -30.32 17.91
C ASN B 257 8.94 -29.08 17.70
N ALA B 258 8.50 -28.14 16.87
CA ALA B 258 9.24 -26.91 16.64
C ALA B 258 8.29 -25.90 16.00
N PHE B 259 8.72 -24.64 15.96
CA PHE B 259 7.92 -23.62 15.32
C PHE B 259 8.78 -22.42 14.96
N ALA B 260 8.38 -21.71 13.92
CA ALA B 260 9.12 -20.56 13.42
C ALA B 260 8.29 -19.30 13.55
N THR B 261 8.92 -18.24 14.03
CA THR B 261 8.26 -16.96 14.25
C THR B 261 8.96 -15.87 13.45
N GLY B 262 8.16 -14.95 12.91
CA GLY B 262 8.66 -13.80 12.17
C GLY B 262 8.28 -12.51 12.88
N SER B 263 9.22 -11.58 12.93
CA SER B 263 9.02 -10.37 13.73
C SER B 263 9.28 -9.11 12.92
N ASP B 264 9.31 -7.96 13.59
CA ASP B 264 9.51 -6.67 12.95
C ASP B 264 10.97 -6.28 12.83
N ASP B 265 11.90 -7.09 13.36
CA ASP B 265 13.32 -6.82 13.23
C ASP B 265 13.94 -7.52 12.03
N ALA B 266 13.14 -7.86 11.03
CA ALA B 266 13.62 -8.45 9.77
C ALA B 266 14.35 -9.77 10.01
N THR B 267 13.85 -10.56 10.96
CA THR B 267 14.44 -11.86 11.25
C THR B 267 13.33 -12.89 11.44
N CYS B 268 13.65 -14.14 11.13
CA CYS B 268 12.83 -15.27 11.51
C CYS B 268 13.62 -16.15 12.47
N ARG B 269 12.92 -16.83 13.37
CA ARG B 269 13.61 -17.66 14.35
C ARG B 269 12.91 -18.98 14.51
N LEU B 270 13.68 -20.06 14.61
CA LEU B 270 13.18 -21.41 14.79
C LEU B 270 13.40 -21.84 16.23
N PHE B 271 12.33 -22.13 16.95
CA PHE B 271 12.37 -22.58 18.33
C PHE B 271 11.98 -24.05 18.40
N ASP B 272 12.62 -24.77 19.32
CA ASP B 272 12.35 -26.19 19.53
C ASP B 272 11.59 -26.37 20.84
N LEU B 273 10.58 -27.26 20.80
CA LEU B 273 9.77 -27.48 21.98
C LEU B 273 10.51 -28.26 23.05
N ARG B 274 11.21 -29.32 22.66
CA ARG B 274 11.86 -30.18 23.65
C ARG B 274 13.07 -29.50 24.28
N ALA B 275 13.88 -28.83 23.47
CA ALA B 275 15.03 -28.11 24.00
C ALA B 275 14.65 -26.75 24.60
N ASP B 276 13.46 -26.24 24.27
CA ASP B 276 12.94 -24.99 24.82
C ASP B 276 13.88 -23.81 24.57
N GLN B 277 14.58 -23.84 23.44
CA GLN B 277 15.55 -22.79 23.12
C GLN B 277 15.49 -22.48 21.63
N GLU B 278 15.96 -21.29 21.27
CA GLU B 278 16.06 -20.92 19.87
C GLU B 278 17.12 -21.77 19.17
N LEU B 279 16.81 -22.20 17.95
CA LEU B 279 17.69 -23.10 17.21
C LEU B 279 18.43 -22.41 16.08
N MET B 280 17.72 -21.74 15.17
CA MET B 280 18.35 -21.07 14.05
C MET B 280 17.70 -19.71 13.82
N THR B 281 18.49 -18.78 13.28
CA THR B 281 18.01 -17.46 12.92
C THR B 281 18.16 -17.28 11.41
N TYR B 282 17.06 -16.95 10.75
CA TYR B 282 17.03 -16.73 9.31
C TYR B 282 16.97 -15.24 9.06
N SER B 283 18.05 -14.68 8.54
CA SER B 283 18.14 -13.26 8.23
C SER B 283 19.39 -13.03 7.38
N HIS B 284 19.38 -11.92 6.65
CA HIS B 284 20.51 -11.50 5.83
C HIS B 284 20.76 -10.02 6.09
N ASP B 285 22.00 -9.59 5.83
CA ASP B 285 22.34 -8.19 6.04
C ASP B 285 21.96 -7.36 4.82
N ASN B 286 20.76 -7.58 4.30
CA ASN B 286 20.23 -6.74 3.24
C ASN B 286 18.74 -6.44 3.41
N ILE B 287 18.12 -6.87 4.50
CA ILE B 287 16.68 -6.71 4.72
C ILE B 287 16.48 -5.81 5.93
N ILE B 288 15.66 -4.78 5.77
CA ILE B 288 15.38 -3.83 6.85
C ILE B 288 13.88 -3.73 7.07
N CYS B 289 13.14 -4.77 6.69
CA CYS B 289 11.69 -4.77 6.80
C CYS B 289 11.24 -6.03 7.53
N GLY B 290 10.18 -5.89 8.31
CA GLY B 290 9.68 -6.99 9.11
C GLY B 290 8.97 -8.03 8.26
N ILE B 291 8.65 -9.15 8.92
CA ILE B 291 7.99 -10.28 8.29
C ILE B 291 6.53 -10.30 8.72
N THR B 292 5.62 -10.38 7.75
CA THR B 292 4.19 -10.35 8.02
C THR B 292 3.52 -11.71 7.86
N SER B 293 4.26 -12.75 7.49
CA SER B 293 3.68 -14.07 7.31
C SER B 293 4.79 -15.11 7.27
N VAL B 294 4.57 -16.24 7.94
CA VAL B 294 5.54 -17.32 8.01
C VAL B 294 4.81 -18.64 7.81
N SER B 295 5.38 -19.52 7.01
CA SER B 295 4.82 -20.85 6.81
C SER B 295 5.93 -21.80 6.38
N PHE B 296 5.69 -23.09 6.63
CA PHE B 296 6.62 -24.16 6.30
C PHE B 296 6.13 -24.90 5.06
N SER B 297 7.00 -25.76 4.53
CA SER B 297 6.61 -26.66 3.47
C SER B 297 6.00 -27.93 4.07
N LYS B 298 5.59 -28.86 3.21
CA LYS B 298 4.98 -30.09 3.69
C LYS B 298 5.98 -30.93 4.48
N SER B 299 7.22 -31.01 4.02
CA SER B 299 8.25 -31.75 4.72
C SER B 299 9.04 -30.88 5.69
N GLY B 300 8.80 -29.57 5.71
CA GLY B 300 9.51 -28.68 6.60
C GLY B 300 10.89 -28.26 6.15
N ARG B 301 11.34 -28.71 4.98
CA ARG B 301 12.68 -28.37 4.52
C ARG B 301 12.79 -26.90 4.13
N LEU B 302 11.71 -26.33 3.58
CA LEU B 302 11.70 -24.93 3.18
C LEU B 302 10.83 -24.13 4.13
N LEU B 303 11.27 -22.92 4.45
CA LEU B 303 10.49 -21.99 5.27
C LEU B 303 10.23 -20.74 4.44
N LEU B 304 8.95 -20.43 4.24
CA LEU B 304 8.55 -19.31 3.41
C LEU B 304 8.14 -18.14 4.30
N ALA B 305 8.74 -16.97 4.07
CA ALA B 305 8.47 -15.78 4.87
C ALA B 305 8.04 -14.65 3.95
N GLY B 306 6.87 -14.08 4.21
CA GLY B 306 6.40 -12.93 3.47
C GLY B 306 6.89 -11.66 4.12
N TYR B 307 7.46 -10.77 3.32
CA TYR B 307 8.08 -9.55 3.80
C TYR B 307 7.25 -8.34 3.44
N ASP B 308 7.59 -7.21 4.07
CA ASP B 308 6.98 -5.93 3.75
C ASP B 308 7.65 -5.24 2.57
N ASP B 309 8.67 -5.84 1.98
CA ASP B 309 9.35 -5.30 0.82
C ASP B 309 8.73 -5.77 -0.49
N PHE B 310 7.45 -6.15 -0.47
CA PHE B 310 6.62 -6.54 -1.60
C PHE B 310 6.97 -7.94 -2.11
N ASN B 311 7.89 -8.64 -1.48
CA ASN B 311 8.34 -9.94 -1.96
C ASN B 311 8.42 -10.93 -0.82
N CYS B 312 8.47 -12.21 -1.17
CA CYS B 312 8.61 -13.30 -0.20
C CYS B 312 9.96 -13.98 -0.39
N ASN B 313 10.45 -14.62 0.66
CA ASN B 313 11.72 -15.32 0.63
C ASN B 313 11.53 -16.78 1.05
N VAL B 314 12.18 -17.68 0.34
CA VAL B 314 12.15 -19.10 0.65
C VAL B 314 13.53 -19.46 1.20
N TRP B 315 13.59 -19.74 2.50
CA TRP B 315 14.81 -20.13 3.18
C TRP B 315 14.91 -21.65 3.27
N ASP B 316 16.14 -22.14 3.29
CA ASP B 316 16.40 -23.53 3.63
C ASP B 316 16.31 -23.67 5.15
N ALA B 317 15.28 -24.36 5.62
CA ALA B 317 14.98 -24.36 7.04
C ALA B 317 16.08 -25.01 7.88
N LEU B 318 16.99 -25.76 7.24
CA LEU B 318 18.07 -26.38 7.98
C LEU B 318 19.40 -25.66 7.79
N LYS B 319 19.72 -25.26 6.56
CA LYS B 319 21.00 -24.60 6.29
C LYS B 319 20.97 -23.10 6.53
N ALA B 320 19.79 -22.52 6.78
CA ALA B 320 19.65 -21.10 7.05
C ALA B 320 20.25 -20.24 5.93
N ASP B 321 20.06 -20.69 4.69
CA ASP B 321 20.52 -19.97 3.52
C ASP B 321 19.34 -19.73 2.60
N ARG B 322 19.23 -18.49 2.10
CA ARG B 322 18.08 -18.11 1.27
C ARG B 322 18.12 -18.90 -0.04
N ALA B 323 17.21 -19.87 -0.16
CA ALA B 323 17.18 -20.72 -1.35
C ALA B 323 16.42 -20.11 -2.52
N GLY B 324 15.59 -19.10 -2.28
CA GLY B 324 14.88 -18.50 -3.40
C GLY B 324 14.12 -17.27 -3.00
N VAL B 325 13.62 -16.56 -4.02
CA VAL B 325 12.85 -15.33 -3.84
C VAL B 325 11.61 -15.41 -4.71
N LEU B 326 10.45 -15.08 -4.14
CA LEU B 326 9.20 -15.00 -4.86
C LEU B 326 8.83 -13.53 -5.01
N ALA B 327 8.79 -13.05 -6.25
CA ALA B 327 8.51 -11.65 -6.54
C ALA B 327 7.40 -11.55 -7.57
N GLY B 328 6.74 -10.39 -7.58
CA GLY B 328 5.64 -10.17 -8.50
C GLY B 328 4.46 -9.45 -7.88
N HIS B 329 4.58 -9.03 -6.63
CA HIS B 329 3.54 -8.29 -5.95
C HIS B 329 3.89 -6.81 -5.91
N ASP B 330 2.89 -5.97 -6.17
CA ASP B 330 3.08 -4.53 -6.22
C ASP B 330 2.94 -3.87 -4.85
N ASN B 331 2.62 -4.63 -3.81
CA ASN B 331 2.53 -4.09 -2.46
C ASN B 331 2.95 -5.18 -1.48
N ARG B 332 2.96 -4.83 -0.20
CA ARG B 332 3.47 -5.74 0.82
C ARG B 332 2.58 -6.98 0.93
N VAL B 333 3.22 -8.13 1.11
CA VAL B 333 2.50 -9.40 1.24
C VAL B 333 1.92 -9.47 2.64
N SER B 334 0.59 -9.54 2.73
CA SER B 334 -0.08 -9.52 4.03
C SER B 334 -0.33 -10.92 4.57
N CYS B 335 -0.66 -11.88 3.71
CA CYS B 335 -0.94 -13.24 4.14
C CYS B 335 -0.23 -14.23 3.24
N LEU B 336 0.17 -15.36 3.82
CA LEU B 336 0.84 -16.41 3.06
C LEU B 336 0.45 -17.76 3.66
N GLY B 337 0.12 -18.71 2.79
CA GLY B 337 -0.27 -20.02 3.25
C GLY B 337 0.23 -21.09 2.29
N VAL B 338 0.36 -22.30 2.82
CA VAL B 338 0.84 -23.45 2.07
C VAL B 338 -0.25 -24.51 2.07
N THR B 339 -0.49 -25.10 0.90
CA THR B 339 -1.56 -26.07 0.74
C THR B 339 -1.31 -27.29 1.62
N ASP B 340 -2.39 -27.99 1.97
CA ASP B 340 -2.28 -29.13 2.88
C ASP B 340 -1.38 -30.22 2.30
N ASP B 341 -1.50 -30.49 1.00
CA ASP B 341 -0.64 -31.47 0.36
C ASP B 341 0.65 -30.87 -0.19
N GLY B 342 0.87 -29.58 0.03
CA GLY B 342 2.13 -28.96 -0.37
C GLY B 342 2.31 -28.81 -1.86
N MET B 343 1.22 -28.75 -2.63
CA MET B 343 1.31 -28.61 -4.08
C MET B 343 1.29 -27.15 -4.53
N ALA B 344 1.04 -26.19 -3.64
CA ALA B 344 0.97 -24.80 -4.04
C ALA B 344 1.18 -23.92 -2.81
N VAL B 345 1.49 -22.65 -3.07
CA VAL B 345 1.63 -21.65 -2.02
C VAL B 345 0.85 -20.41 -2.44
N ALA B 346 -0.07 -19.97 -1.60
CA ALA B 346 -0.93 -18.84 -1.91
C ALA B 346 -0.51 -17.62 -1.10
N THR B 347 -0.23 -16.51 -1.80
CA THR B 347 0.18 -15.27 -1.17
C THR B 347 -0.81 -14.17 -1.53
N GLY B 348 -1.30 -13.47 -0.51
CA GLY B 348 -2.18 -12.34 -0.72
C GLY B 348 -1.57 -11.06 -0.19
N SER B 349 -1.46 -10.06 -1.06
CA SER B 349 -0.79 -8.81 -0.74
C SER B 349 -1.79 -7.67 -0.72
N TRP B 350 -1.29 -6.47 -0.38
CA TRP B 350 -2.11 -5.27 -0.38
C TRP B 350 -2.43 -4.77 -1.77
N ASP B 351 -1.87 -5.40 -2.80
CA ASP B 351 -2.16 -5.02 -4.19
C ASP B 351 -3.52 -5.54 -4.67
N SER B 352 -4.36 -6.02 -3.76
CA SER B 352 -5.69 -6.55 -4.07
C SER B 352 -5.64 -7.79 -4.97
N PHE B 353 -4.50 -8.48 -5.01
CA PHE B 353 -4.34 -9.66 -5.84
C PHE B 353 -3.83 -10.83 -4.99
N LEU B 354 -4.33 -12.02 -5.30
CA LEU B 354 -3.90 -13.25 -4.64
C LEU B 354 -3.25 -14.14 -5.68
N LYS B 355 -2.01 -14.56 -5.41
CA LYS B 355 -1.22 -15.30 -6.38
C LYS B 355 -0.86 -16.68 -5.85
N ILE B 356 -1.01 -17.69 -6.69
CA ILE B 356 -0.70 -19.07 -6.35
C ILE B 356 0.57 -19.47 -7.08
N TRP B 357 1.54 -19.99 -6.33
CA TRP B 357 2.86 -20.31 -6.83
C TRP B 357 3.09 -21.81 -6.72
N ASN B 358 3.78 -22.36 -7.72
CA ASN B 358 4.12 -23.78 -7.72
C ASN B 358 5.57 -23.98 -8.13
N LEU C 15 2.95 -14.12 38.53
CA LEU C 15 4.06 -14.05 37.57
C LEU C 15 5.22 -14.92 38.03
N VAL C 16 5.55 -14.84 39.32
CA VAL C 16 6.64 -15.64 39.86
C VAL C 16 6.30 -17.13 39.82
N GLU C 17 5.04 -17.46 40.10
CA GLU C 17 4.61 -18.85 40.06
C GLU C 17 4.76 -19.43 38.65
N GLN C 18 4.44 -18.62 37.63
CA GLN C 18 4.59 -19.09 36.25
C GLN C 18 6.06 -19.37 35.94
N LEU C 19 6.97 -18.50 36.37
CA LEU C 19 8.39 -18.74 36.14
C LEU C 19 8.85 -19.99 36.88
N LYS C 20 8.38 -20.18 38.12
CA LYS C 20 8.77 -21.38 38.87
C LYS C 20 8.28 -22.64 38.18
N MET C 21 7.05 -22.62 37.67
CA MET C 21 6.52 -23.79 36.95
C MET C 21 7.29 -24.04 35.67
N GLU C 22 7.63 -22.97 34.94
CA GLU C 22 8.34 -23.15 33.67
C GLU C 22 9.78 -23.61 33.89
N ALA C 23 10.37 -23.29 35.04
CA ALA C 23 11.75 -23.67 35.31
C ALA C 23 11.88 -25.11 35.80
N ASN C 24 10.77 -25.81 36.03
CA ASN C 24 10.80 -27.16 36.59
C ASN C 24 10.46 -28.24 35.56
N ILE C 25 10.92 -28.08 34.32
CA ILE C 25 10.65 -29.04 33.26
C ILE C 25 11.96 -29.69 32.84
N ASP C 26 11.83 -30.83 32.17
CA ASP C 26 12.99 -31.56 31.65
C ASP C 26 13.28 -31.11 30.23
N ARG C 27 14.55 -30.83 29.96
CA ARG C 27 14.99 -30.30 28.67
C ARG C 27 15.89 -31.31 27.97
N ILE C 28 15.66 -31.49 26.68
CA ILE C 28 16.41 -32.43 25.85
C ILE C 28 17.54 -31.66 25.16
N LYS C 29 18.71 -32.29 25.11
CA LYS C 29 19.89 -31.63 24.54
C LYS C 29 19.65 -31.23 23.09
N VAL C 30 20.30 -30.14 22.68
CA VAL C 30 20.09 -29.58 21.36
C VAL C 30 20.48 -30.56 20.27
N SER C 31 21.49 -31.40 20.52
CA SER C 31 21.92 -32.36 19.52
C SER C 31 20.81 -33.32 19.14
N LYS C 32 20.06 -33.81 20.14
CA LYS C 32 18.96 -34.73 19.85
C LYS C 32 17.86 -34.06 19.04
N ALA C 33 17.51 -32.82 19.39
CA ALA C 33 16.48 -32.10 18.65
C ALA C 33 16.91 -31.86 17.20
N ALA C 34 18.16 -31.44 17.00
CA ALA C 34 18.66 -31.23 15.65
C ALA C 34 18.67 -32.52 14.85
N ALA C 35 19.08 -33.62 15.49
CA ALA C 35 19.06 -34.92 14.80
C ALA C 35 17.65 -35.33 14.42
N ASP C 36 16.69 -35.11 15.32
CA ASP C 36 15.30 -35.45 15.00
C ASP C 36 14.76 -34.61 13.85
N LEU C 37 15.05 -33.31 13.85
CA LEU C 37 14.61 -32.46 12.75
C LEU C 37 15.24 -32.90 11.43
N MET C 38 16.53 -33.20 11.45
CA MET C 38 17.20 -33.67 10.24
C MET C 38 16.61 -34.97 9.74
N ALA C 39 16.34 -35.91 10.66
CA ALA C 39 15.77 -37.19 10.28
C ALA C 39 14.38 -37.01 9.66
N TYR C 40 13.55 -36.16 10.27
CA TYR C 40 12.22 -35.93 9.71
C TYR C 40 12.30 -35.30 8.32
N CYS C 41 13.17 -34.31 8.15
CA CYS C 41 13.31 -33.67 6.85
C CYS C 41 13.80 -34.66 5.80
N GLU C 42 14.79 -35.49 6.15
CA GLU C 42 15.29 -36.48 5.20
C GLU C 42 14.22 -37.50 4.86
N ALA C 43 13.43 -37.92 5.85
CA ALA C 43 12.40 -38.93 5.60
C ALA C 43 11.29 -38.38 4.69
N HIS C 44 10.90 -37.12 4.89
CA HIS C 44 9.77 -36.58 4.15
C HIS C 44 10.15 -35.75 2.92
N ALA C 45 11.45 -35.62 2.62
CA ALA C 45 11.84 -34.86 1.45
C ALA C 45 11.38 -35.51 0.15
N LYS C 46 11.25 -36.84 0.13
CA LYS C 46 10.97 -37.54 -1.12
C LYS C 46 9.58 -37.25 -1.67
N GLU C 47 8.64 -36.82 -0.83
CA GLU C 47 7.26 -36.60 -1.24
C GLU C 47 6.91 -35.13 -1.40
N ASP C 48 7.76 -34.22 -0.93
CA ASP C 48 7.45 -32.80 -0.97
C ASP C 48 7.43 -32.31 -2.42
N PRO C 49 6.34 -31.70 -2.89
CA PRO C 49 6.32 -31.19 -4.27
C PRO C 49 7.11 -29.91 -4.46
N LEU C 50 7.66 -29.31 -3.41
CA LEU C 50 8.45 -28.10 -3.55
C LEU C 50 9.90 -28.35 -3.13
N GLN D 1 16.22 -11.65 25.43
CA GLN D 1 15.30 -10.92 26.29
C GLN D 1 15.61 -9.43 26.27
N VAL D 2 14.61 -8.62 25.94
CA VAL D 2 14.79 -7.18 25.88
C VAL D 2 14.84 -6.64 27.31
N GLN D 3 16.01 -6.16 27.73
CA GLN D 3 16.21 -5.69 29.09
C GLN D 3 16.74 -4.26 29.05
N LEU D 4 16.12 -3.39 29.85
CA LEU D 4 16.54 -2.00 30.00
C LEU D 4 16.59 -1.70 31.50
N GLN D 5 17.80 -1.60 32.04
CA GLN D 5 18.01 -1.40 33.46
C GLN D 5 18.41 0.06 33.69
N GLU D 6 17.62 0.77 34.49
CA GLU D 6 17.87 2.17 34.79
C GLU D 6 18.56 2.31 36.14
N SER D 7 19.35 3.38 36.27
CA SER D 7 20.09 3.63 37.48
C SER D 7 20.29 5.13 37.67
N GLY D 8 20.48 5.54 38.92
CA GLY D 8 20.64 6.94 39.25
C GLY D 8 19.40 7.52 39.90
N GLY D 9 19.58 8.33 40.94
CA GLY D 9 18.46 8.95 41.62
C GLY D 9 18.50 8.80 43.13
N SER D 17 21.75 18.21 40.45
CA SER D 17 22.00 17.62 39.14
C SER D 17 22.11 16.10 39.24
N LEU D 18 21.69 15.41 38.18
CA LEU D 18 21.70 13.96 38.16
C LEU D 18 22.15 13.46 36.79
N ARG D 19 22.57 12.21 36.76
CA ARG D 19 23.22 11.60 35.60
C ARG D 19 22.57 10.23 35.32
N LEU D 20 21.24 10.26 35.17
CA LEU D 20 20.49 9.02 35.03
C LEU D 20 21.04 8.18 33.87
N SER D 21 21.17 6.89 34.10
CA SER D 21 21.73 5.97 33.13
C SER D 21 20.74 4.86 32.82
N CYS D 22 20.81 4.33 31.61
CA CYS D 22 19.97 3.22 31.19
C CYS D 22 20.81 2.28 30.34
N ALA D 23 21.08 1.09 30.86
CA ALA D 23 21.86 0.07 30.16
C ALA D 23 20.91 -0.89 29.46
N ALA D 24 21.15 -1.12 28.18
CA ALA D 24 20.28 -1.95 27.35
C ALA D 24 20.99 -3.25 27.01
N SER D 25 20.22 -4.34 26.98
CA SER D 25 20.76 -5.64 26.63
C SER D 25 19.66 -6.47 25.97
N GLY D 26 20.08 -7.46 25.20
CA GLY D 26 19.16 -8.31 24.47
C GLY D 26 18.82 -7.85 23.08
N PHE D 27 19.35 -6.72 22.62
CA PHE D 27 19.10 -6.25 21.27
C PHE D 27 20.23 -5.34 20.84
N THR D 28 20.30 -5.08 19.54
CA THR D 28 21.30 -4.18 18.98
C THR D 28 20.94 -2.75 19.33
N PHE D 29 21.77 -2.12 20.16
CA PHE D 29 21.43 -0.80 20.70
C PHE D 29 21.44 0.26 19.61
N SER D 30 22.46 0.26 18.75
CA SER D 30 22.58 1.31 17.75
C SER D 30 21.71 1.03 16.54
N ASN D 31 20.44 0.70 16.79
CA ASN D 31 19.49 0.49 15.70
C ASN D 31 18.11 1.02 16.02
N TYR D 32 17.91 1.67 17.17
CA TYR D 32 16.60 2.10 17.62
C TYR D 32 16.66 3.55 18.10
N LYS D 33 15.52 4.22 18.04
CA LYS D 33 15.38 5.60 18.47
C LYS D 33 14.84 5.61 19.89
N MET D 34 15.58 6.25 20.81
CA MET D 34 15.33 6.11 22.23
C MET D 34 14.64 7.34 22.80
N ASN D 35 13.86 7.11 23.86
CA ASN D 35 13.15 8.18 24.56
C ASN D 35 13.38 8.05 26.06
N TRP D 36 13.35 9.18 26.75
CA TRP D 36 13.29 9.24 28.19
C TRP D 36 11.91 9.75 28.59
N VAL D 37 11.22 8.98 29.43
CA VAL D 37 9.84 9.26 29.82
C VAL D 37 9.80 9.40 31.34
N ARG D 38 8.84 10.17 31.84
CA ARG D 38 8.66 10.32 33.27
C ARG D 38 7.19 10.17 33.63
N GLN D 39 6.97 9.77 34.88
CA GLN D 39 5.63 9.68 35.48
C GLN D 39 5.68 10.42 36.80
N ALA D 40 5.01 11.57 36.87
CA ALA D 40 4.93 12.25 38.15
C ALA D 40 3.94 11.53 39.06
N PRO D 41 4.20 11.51 40.37
CA PRO D 41 3.27 10.85 41.29
C PRO D 41 1.89 11.47 41.20
N GLY D 42 0.86 10.62 41.15
CA GLY D 42 -0.49 11.08 41.01
C GLY D 42 -0.92 11.47 39.61
N LYS D 43 -0.02 11.33 38.63
CA LYS D 43 -0.35 11.70 37.25
C LYS D 43 -0.08 10.54 36.30
N GLY D 44 -0.20 10.80 35.00
CA GLY D 44 0.08 9.81 33.99
C GLY D 44 1.47 9.98 33.38
N LEU D 45 1.78 9.06 32.46
CA LEU D 45 3.07 9.09 31.78
C LEU D 45 3.17 10.32 30.88
N GLU D 46 4.33 10.96 30.91
CA GLU D 46 4.60 12.13 30.08
C GLU D 46 5.96 11.99 29.42
N TRP D 47 5.99 12.17 28.11
CA TRP D 47 7.25 12.09 27.37
C TRP D 47 8.14 13.26 27.74
N VAL D 48 9.43 13.00 27.90
CA VAL D 48 10.36 14.02 28.38
C VAL D 48 11.37 14.38 27.30
N SER D 49 12.14 13.40 26.85
CA SER D 49 13.20 13.68 25.89
C SER D 49 13.26 12.55 24.88
N ASP D 50 13.91 12.82 23.75
CA ASP D 50 14.00 11.84 22.68
C ASP D 50 15.27 12.08 21.89
N ILE D 51 16.01 11.00 21.60
CA ILE D 51 17.21 11.05 20.79
C ILE D 51 17.13 9.96 19.74
N SER D 52 17.67 10.25 18.56
CA SER D 52 17.61 9.31 17.44
C SER D 52 18.69 8.26 17.60
N GLN D 53 18.93 7.48 16.55
CA GLN D 53 19.84 6.34 16.61
C GLN D 53 21.29 6.72 16.32
N SER D 54 21.56 7.96 15.89
CA SER D 54 22.91 8.34 15.54
C SER D 54 23.27 9.73 16.06
N GLY D 55 22.68 10.14 17.18
CA GLY D 55 22.95 11.46 17.71
C GLY D 55 22.42 12.59 16.86
N ALA D 56 21.42 12.32 16.01
CA ALA D 56 20.83 13.33 15.15
C ALA D 56 19.86 14.18 15.97
N SER D 57 18.99 14.92 15.28
CA SER D 57 18.06 15.86 15.89
C SER D 57 17.46 15.32 17.18
N ILE D 58 17.57 16.10 18.24
CA ILE D 58 17.15 15.73 19.57
C ILE D 58 15.94 16.56 19.96
N SER D 59 14.94 15.91 20.57
CA SER D 59 13.72 16.60 20.97
C SER D 59 13.62 16.62 22.49
N TYR D 60 13.15 17.75 23.02
CA TYR D 60 12.83 17.86 24.43
C TYR D 60 11.43 18.45 24.57
N THR D 61 10.77 18.12 25.67
CA THR D 61 9.51 18.76 25.98
C THR D 61 9.72 20.24 26.29
N GLY D 62 8.63 20.99 26.31
CA GLY D 62 8.74 22.43 26.46
C GLY D 62 9.36 22.86 27.78
N SER D 63 9.09 22.11 28.85
CA SER D 63 9.50 22.54 30.18
C SER D 63 10.97 22.26 30.49
N VAL D 64 11.63 21.40 29.71
CA VAL D 64 13.00 21.02 30.00
C VAL D 64 13.96 21.46 28.90
N LYS D 65 13.50 22.25 27.94
CA LYS D 65 14.36 22.64 26.84
C LYS D 65 15.57 23.42 27.35
N GLY D 66 16.75 23.00 26.91
CA GLY D 66 17.98 23.66 27.31
C GLY D 66 18.49 23.23 28.68
N ARG D 67 17.57 22.98 29.62
CA ARG D 67 17.94 22.63 30.97
C ARG D 67 18.44 21.19 31.10
N PHE D 68 18.02 20.30 30.20
CA PHE D 68 18.42 18.90 30.22
C PHE D 68 19.31 18.60 29.02
N THR D 69 20.08 17.52 29.15
CA THR D 69 20.89 17.00 28.06
C THR D 69 20.71 15.49 27.99
N ILE D 70 20.77 14.95 26.79
CA ILE D 70 20.60 13.51 26.58
C ILE D 70 21.65 13.03 25.59
N SER D 71 22.32 11.93 25.93
CA SER D 71 23.36 11.36 25.09
C SER D 71 23.18 9.85 25.02
N ARG D 72 23.83 9.23 24.05
CA ARG D 72 23.80 7.78 23.94
C ARG D 72 25.18 7.28 23.53
N ASP D 73 25.70 6.31 24.28
CA ASP D 73 26.98 5.67 24.00
C ASP D 73 26.67 4.35 23.32
N ASN D 74 26.79 4.34 21.98
CA ASN D 74 26.48 3.14 21.23
C ASN D 74 27.51 2.04 21.47
N ALA D 75 28.78 2.43 21.66
CA ALA D 75 29.82 1.44 21.91
C ALA D 75 29.56 0.68 23.20
N LYS D 76 29.17 1.39 24.26
CA LYS D 76 28.84 0.76 25.53
C LYS D 76 27.36 0.37 25.62
N ASN D 77 26.56 0.69 24.61
CA ASN D 77 25.13 0.39 24.60
C ASN D 77 24.44 0.93 25.84
N THR D 78 24.56 2.25 26.02
CA THR D 78 24.00 2.92 27.19
C THR D 78 23.36 4.24 26.76
N LEU D 79 22.41 4.70 27.55
CA LEU D 79 21.72 5.96 27.30
C LEU D 79 21.78 6.82 28.55
N TYR D 80 22.27 8.05 28.42
CA TYR D 80 22.48 8.94 29.55
C TYR D 80 21.55 10.14 29.47
N LEU D 81 21.03 10.56 30.61
CA LEU D 81 20.23 11.77 30.73
C LEU D 81 20.80 12.60 31.87
N GLN D 82 21.36 13.75 31.53
CA GLN D 82 21.94 14.68 32.50
C GLN D 82 20.95 15.80 32.78
N MET D 83 20.62 16.00 34.04
CA MET D 83 19.62 16.99 34.43
C MET D 83 20.21 17.94 35.47
N ASN D 84 19.83 19.21 35.37
CA ASN D 84 20.25 20.23 36.33
C ASN D 84 19.41 21.50 36.17
N ASP D 90 11.46 17.91 37.89
CA ASP D 90 10.63 17.72 39.08
C ASP D 90 10.67 16.27 39.54
N THR D 91 10.09 16.00 40.70
CA THR D 91 10.10 14.66 41.26
C THR D 91 9.18 13.75 40.45
N ALA D 92 9.71 12.62 40.01
CA ALA D 92 8.96 11.68 39.18
C ALA D 92 9.74 10.38 39.08
N VAL D 93 9.09 9.37 38.51
CA VAL D 93 9.73 8.09 38.21
C VAL D 93 10.10 8.10 36.74
N TYR D 94 11.39 7.90 36.44
CA TYR D 94 11.91 7.99 35.09
C TYR D 94 12.10 6.61 34.49
N TYR D 95 11.84 6.51 33.19
CA TYR D 95 12.02 5.29 32.43
C TYR D 95 12.76 5.61 31.13
N CYS D 96 13.49 4.64 30.62
CA CYS D 96 14.06 4.70 29.27
C CYS D 96 13.27 3.74 28.39
N ALA D 97 12.79 4.24 27.26
CA ALA D 97 11.93 3.46 26.38
C ALA D 97 12.51 3.45 24.97
N ARG D 98 12.13 2.42 24.23
CA ARG D 98 12.68 2.16 22.91
C ARG D 98 11.57 2.21 21.87
N CYS D 99 11.93 2.62 20.66
CA CYS D 99 10.97 2.57 19.56
C CYS D 99 10.62 1.12 19.26
N PRO D 100 9.36 0.83 18.93
CA PRO D 100 8.96 -0.57 18.73
C PRO D 100 9.73 -1.29 17.64
N ALA D 101 10.10 -0.58 16.57
CA ALA D 101 10.75 -1.22 15.43
C ALA D 101 12.06 -0.50 15.10
N PRO D 102 13.03 -1.22 14.57
CA PRO D 102 14.29 -0.58 14.17
C PRO D 102 14.16 0.11 12.82
N PHE D 103 15.17 0.91 12.49
CA PHE D 103 15.26 1.62 11.22
C PHE D 103 14.06 2.53 10.97
N THR D 104 13.44 3.04 12.03
CA THR D 104 12.24 3.86 11.86
C THR D 104 12.39 5.16 12.64
N PRO D 105 12.07 6.31 12.02
CA PRO D 105 12.17 7.60 12.71
C PRO D 105 10.88 8.05 13.39
N PHE D 106 10.26 7.16 14.15
CA PHE D 106 9.09 7.55 14.93
C PHE D 106 8.82 6.52 16.02
N CYS D 107 8.43 7.01 17.20
CA CYS D 107 8.00 6.18 18.32
C CYS D 107 6.52 6.42 18.56
N PHE D 108 5.73 5.35 18.58
CA PHE D 108 4.27 5.47 18.61
C PHE D 108 3.69 5.26 20.00
N ASP D 109 3.92 4.09 20.61
CA ASP D 109 3.25 3.73 21.86
C ASP D 109 4.18 3.83 23.06
N VAL D 110 5.14 4.74 23.04
CA VAL D 110 6.08 4.86 24.15
C VAL D 110 5.37 5.33 25.41
N THR D 111 4.54 6.35 25.30
CA THR D 111 3.79 6.87 26.45
C THR D 111 2.49 6.10 26.61
N SER D 112 2.62 4.89 27.16
CA SER D 112 1.50 3.99 27.35
C SER D 112 1.57 3.38 28.75
N THR D 113 0.41 2.94 29.24
CA THR D 113 0.35 2.37 30.58
C THR D 113 1.16 1.07 30.67
N THR D 114 1.01 0.19 29.70
CA THR D 114 1.72 -1.09 29.67
C THR D 114 2.51 -1.18 28.37
N TYR D 115 3.81 -0.90 28.44
CA TYR D 115 4.70 -0.99 27.29
C TYR D 115 5.67 -2.14 27.52
N ALA D 116 5.85 -2.98 26.50
CA ALA D 116 6.66 -4.18 26.66
C ALA D 116 8.16 -3.88 26.63
N TYR D 117 8.57 -2.79 25.97
CA TYR D 117 9.98 -2.47 25.79
C TYR D 117 10.40 -1.25 26.60
N ARG D 118 9.90 -1.14 27.83
CA ARG D 118 10.24 -0.03 28.71
C ARG D 118 10.83 -0.56 30.01
N GLY D 119 11.84 0.14 30.52
CA GLY D 119 12.53 -0.30 31.72
C GLY D 119 11.73 -0.07 32.98
N GLN D 120 12.35 -0.44 34.10
CA GLN D 120 11.68 -0.35 35.40
C GLN D 120 11.57 1.08 35.89
N GLY D 121 12.61 1.88 35.69
CA GLY D 121 12.58 3.28 36.08
C GLY D 121 13.11 3.52 37.48
N THR D 122 13.61 4.72 37.70
CA THR D 122 14.16 5.13 38.99
C THR D 122 13.44 6.37 39.50
N GLN D 123 13.32 6.45 40.83
CA GLN D 123 12.68 7.60 41.46
C GLN D 123 13.65 8.76 41.57
N VAL D 124 13.15 9.97 41.29
CA VAL D 124 13.92 11.20 41.46
C VAL D 124 13.06 12.15 42.28
N THR D 125 13.58 12.57 43.43
CA THR D 125 12.85 13.45 44.34
C THR D 125 13.62 14.76 44.50
N VAL D 126 12.90 15.87 44.36
CA VAL D 126 13.50 17.19 44.49
C VAL D 126 12.70 18.04 45.46
N ARG E 35 14.94 15.14 -54.50
CA ARG E 35 15.48 15.17 -53.15
C ARG E 35 14.59 14.41 -52.18
N LEU E 36 14.09 13.25 -52.62
CA LEU E 36 13.28 12.37 -51.80
C LEU E 36 13.99 11.03 -51.66
N SER E 37 14.10 10.54 -50.43
CA SER E 37 14.79 9.28 -50.19
C SER E 37 14.11 8.55 -49.03
N VAL E 38 14.32 7.23 -49.00
CA VAL E 38 13.76 6.41 -47.93
C VAL E 38 14.41 6.67 -46.58
N PHE E 39 15.53 7.41 -46.55
CA PHE E 39 16.22 7.64 -45.29
C PHE E 39 15.35 8.41 -44.30
N PHE E 40 14.59 9.39 -44.80
CA PHE E 40 13.64 10.08 -43.95
C PHE E 40 12.65 9.09 -43.33
N SER E 41 12.12 8.18 -44.15
CA SER E 41 11.13 7.23 -43.66
C SER E 41 11.73 6.33 -42.59
N VAL E 42 12.94 5.80 -42.82
CA VAL E 42 13.49 4.84 -41.86
C VAL E 42 13.88 5.55 -40.57
N ILE E 43 14.43 6.77 -40.66
CA ILE E 43 14.82 7.46 -39.43
C ILE E 43 13.58 7.84 -38.61
N PHE E 44 12.53 8.32 -39.28
CA PHE E 44 11.29 8.59 -38.56
C PHE E 44 10.73 7.33 -37.93
N MET E 45 10.76 6.22 -38.69
CA MET E 45 10.32 4.93 -38.18
C MET E 45 11.04 4.58 -36.89
N THR E 46 12.37 4.52 -36.94
CA THR E 46 13.11 4.00 -35.80
C THR E 46 12.96 4.92 -34.59
N VAL E 47 12.96 6.24 -34.79
CA VAL E 47 12.77 7.15 -33.67
C VAL E 47 11.40 6.94 -33.05
N GLY E 48 10.36 6.82 -33.89
CA GLY E 48 9.03 6.63 -33.37
C GLY E 48 8.86 5.34 -32.59
N ILE E 49 9.36 4.23 -33.16
CA ILE E 49 9.24 2.95 -32.46
C ILE E 49 10.02 2.96 -31.15
N LEU E 50 11.24 3.51 -31.15
CA LEU E 50 12.00 3.55 -29.91
C LEU E 50 11.27 4.37 -28.85
N SER E 51 10.80 5.56 -29.21
CA SER E 51 10.12 6.41 -28.25
C SER E 51 8.86 5.75 -27.72
N ASN E 52 8.07 5.14 -28.60
CA ASN E 52 6.84 4.50 -28.17
C ASN E 52 7.09 3.26 -27.33
N SER E 53 8.15 2.51 -27.62
CA SER E 53 8.47 1.34 -26.80
C SER E 53 8.88 1.75 -25.39
N LEU E 54 9.75 2.76 -25.28
CA LEU E 54 10.11 3.25 -23.95
C LEU E 54 8.89 3.80 -23.23
N ALA E 55 8.02 4.51 -23.95
CA ALA E 55 6.81 5.04 -23.34
C ALA E 55 5.91 3.92 -22.83
N ILE E 56 5.75 2.85 -23.62
CA ILE E 56 4.91 1.73 -23.20
C ILE E 56 5.49 1.06 -21.96
N ALA E 57 6.80 0.87 -21.92
CA ALA E 57 7.42 0.23 -20.75
C ALA E 57 7.22 1.07 -19.50
N ILE E 58 7.57 2.36 -19.57
CA ILE E 58 7.43 3.21 -18.40
C ILE E 58 5.97 3.36 -18.01
N LEU E 59 5.06 3.36 -18.99
CA LEU E 59 3.64 3.45 -18.70
C LEU E 59 3.13 2.22 -17.99
N MET E 60 3.61 1.04 -18.40
CA MET E 60 3.21 -0.19 -17.71
C MET E 60 3.69 -0.19 -16.26
N LYS E 61 4.94 0.23 -16.05
CA LYS E 61 5.45 0.32 -14.68
C LYS E 61 4.64 1.32 -13.85
N ALA E 62 4.37 2.50 -14.42
CA ALA E 62 3.63 3.52 -13.70
C ALA E 62 2.19 3.10 -13.44
N TYR E 63 1.57 2.38 -14.37
CA TYR E 63 0.21 1.90 -14.15
C TYR E 63 0.17 0.84 -13.07
N GLN E 64 1.19 -0.03 -13.01
CA GLN E 64 1.28 -0.98 -11.91
C GLN E 64 1.40 -0.24 -10.58
N ARG E 65 2.19 0.84 -10.55
CA ARG E 65 2.38 1.59 -9.31
C ARG E 65 1.11 2.33 -8.90
N PHE E 66 0.43 2.95 -9.87
CA PHE E 66 -0.65 3.90 -9.58
C PHE E 66 -2.03 3.27 -9.57
N ARG E 67 -2.19 2.05 -10.10
CA ARG E 67 -3.53 1.49 -10.24
C ARG E 67 -4.21 1.28 -8.89
N GLN E 68 -3.44 0.88 -7.88
CA GLN E 68 -4.02 0.61 -6.56
C GLN E 68 -4.04 1.86 -5.68
N LYS E 69 -4.47 2.97 -6.27
CA LYS E 69 -4.83 4.17 -5.50
C LYS E 69 -6.08 4.85 -6.00
N SER E 70 -6.44 4.68 -7.28
CA SER E 70 -7.61 5.26 -7.91
C SER E 70 -7.63 4.73 -9.33
N LYS E 71 -8.66 5.11 -10.09
CA LYS E 71 -8.67 4.79 -11.51
C LYS E 71 -7.64 5.65 -12.22
N ALA E 72 -6.81 5.01 -13.04
CA ALA E 72 -5.77 5.72 -13.80
C ALA E 72 -6.27 6.00 -15.21
N SER E 73 -7.21 6.93 -15.30
CA SER E 73 -7.79 7.29 -16.58
C SER E 73 -6.74 7.90 -17.50
N PHE E 74 -5.91 8.80 -16.97
CA PHE E 74 -4.87 9.41 -17.79
C PHE E 74 -3.87 8.35 -18.27
N LEU E 75 -3.51 7.40 -17.41
CA LEU E 75 -2.58 6.36 -17.84
C LEU E 75 -3.19 5.48 -18.92
N LEU E 76 -4.48 5.15 -18.80
CA LEU E 76 -5.13 4.36 -19.84
C LEU E 76 -5.18 5.11 -21.16
N LEU E 77 -5.52 6.40 -21.12
CA LEU E 77 -5.57 7.19 -22.35
C LEU E 77 -4.19 7.32 -22.98
N ALA E 78 -3.16 7.52 -22.16
CA ALA E 78 -1.80 7.60 -22.68
C ALA E 78 -1.35 6.27 -23.26
N SER E 79 -1.77 5.15 -22.65
CA SER E 79 -1.45 3.84 -23.22
C SER E 79 -2.09 3.67 -24.58
N GLY E 80 -3.37 4.07 -24.71
CA GLY E 80 -4.01 4.03 -26.01
C GLY E 80 -3.29 4.89 -27.03
N LEU E 81 -2.88 6.09 -26.62
CA LEU E 81 -2.20 7.00 -27.55
C LEU E 81 -0.86 6.43 -28.02
N VAL E 82 -0.06 5.90 -27.09
CA VAL E 82 1.25 5.40 -27.47
C VAL E 82 1.12 4.13 -28.30
N ILE E 83 0.14 3.28 -27.99
CA ILE E 83 -0.09 2.08 -28.79
C ILE E 83 -0.48 2.46 -30.22
N THR E 84 -1.39 3.43 -30.35
CA THR E 84 -1.81 3.88 -31.68
C THR E 84 -0.63 4.46 -32.45
N ASP E 85 0.18 5.29 -31.80
CA ASP E 85 1.34 5.88 -32.46
C ASP E 85 2.31 4.80 -32.93
N PHE E 86 2.60 3.84 -32.05
CA PHE E 86 3.50 2.74 -32.38
C PHE E 86 3.01 1.97 -33.60
N PHE E 87 1.75 1.52 -33.57
CA PHE E 87 1.26 0.69 -34.65
C PHE E 87 1.17 1.46 -35.96
N GLY E 88 0.70 2.72 -35.90
CA GLY E 88 0.64 3.52 -37.11
C GLY E 88 2.00 3.76 -37.71
N HIS E 89 2.98 4.13 -36.87
CA HIS E 89 4.34 4.32 -37.35
C HIS E 89 4.86 3.06 -38.02
N LEU E 90 4.73 1.92 -37.35
CA LEU E 90 5.26 0.68 -37.89
C LEU E 90 4.64 0.35 -39.24
N ILE E 91 3.30 0.34 -39.31
CA ILE E 91 2.64 -0.08 -40.53
C ILE E 91 2.92 0.89 -41.67
N ASN E 92 2.73 2.19 -41.43
CA ASN E 92 2.91 3.17 -42.50
C ASN E 92 4.35 3.22 -42.97
N GLY E 93 5.31 3.18 -42.04
CA GLY E 93 6.71 3.18 -42.45
C GLY E 93 7.10 1.93 -43.21
N ALA E 94 6.57 0.77 -42.81
CA ALA E 94 6.85 -0.45 -43.56
C ALA E 94 6.32 -0.36 -44.98
N ILE E 95 5.10 0.17 -45.14
CA ILE E 95 4.54 0.31 -46.48
C ILE E 95 5.35 1.31 -47.30
N ALA E 96 5.79 2.40 -46.67
CA ALA E 96 6.58 3.39 -47.39
C ALA E 96 7.93 2.82 -47.81
N VAL E 97 8.56 2.02 -46.95
CA VAL E 97 9.83 1.39 -47.29
C VAL E 97 9.64 0.40 -48.43
N PHE E 98 8.54 -0.36 -48.40
CA PHE E 98 8.26 -1.27 -49.51
C PHE E 98 8.06 -0.50 -50.81
N VAL E 99 7.37 0.63 -50.75
CA VAL E 99 7.16 1.45 -51.94
C VAL E 99 8.48 1.96 -52.48
N TYR E 100 9.36 2.46 -51.60
CA TYR E 100 10.66 2.95 -52.03
C TYR E 100 11.51 1.83 -52.63
N ALA E 101 11.44 0.64 -52.05
CA ALA E 101 12.29 -0.47 -52.51
C ALA E 101 11.95 -0.91 -53.92
N SER E 102 10.68 -0.80 -54.31
CA SER E 102 10.23 -1.22 -55.63
C SER E 102 10.50 -0.18 -56.70
N ASP E 103 11.35 0.80 -56.43
CA ASP E 103 11.71 1.86 -57.38
C ASP E 103 10.47 2.61 -57.87
N LYS E 104 9.46 2.74 -57.00
CA LYS E 104 8.23 3.45 -57.29
C LYS E 104 7.50 2.90 -58.50
N GLU E 105 7.71 1.62 -58.82
CA GLU E 105 7.03 0.97 -59.94
C GLU E 105 5.65 0.52 -59.44
N TRP E 106 4.74 1.49 -59.33
CA TRP E 106 3.45 1.24 -58.73
C TRP E 106 2.53 0.39 -59.61
N ILE E 107 2.91 0.15 -60.86
CA ILE E 107 2.05 -0.61 -61.76
C ILE E 107 2.03 -2.08 -61.37
N ARG E 108 3.19 -2.74 -61.43
CA ARG E 108 3.24 -4.19 -61.31
C ARG E 108 3.48 -4.67 -59.88
N PHE E 109 2.75 -4.14 -58.89
CA PHE E 109 2.54 -4.90 -57.66
C PHE E 109 1.13 -4.76 -57.10
N ASP E 110 0.32 -3.81 -57.56
CA ASP E 110 -1.05 -3.63 -57.09
C ASP E 110 -1.97 -3.65 -58.31
N GLN E 111 -2.37 -4.85 -58.72
CA GLN E 111 -3.26 -4.98 -59.88
C GLN E 111 -4.63 -4.36 -59.59
N SER E 112 -5.17 -4.62 -58.40
CA SER E 112 -6.47 -4.11 -58.01
C SER E 112 -6.37 -2.87 -57.12
N ASN E 113 -5.16 -2.33 -56.93
CA ASN E 113 -4.93 -1.15 -56.10
C ASN E 113 -5.39 -1.37 -54.66
N VAL E 114 -5.31 -2.62 -54.19
CA VAL E 114 -5.62 -2.90 -52.79
C VAL E 114 -4.57 -2.28 -51.88
N LEU E 115 -3.31 -2.28 -52.32
CA LEU E 115 -2.24 -1.71 -51.51
C LEU E 115 -2.45 -0.22 -51.29
N CYS E 116 -2.88 0.51 -52.33
CA CYS E 116 -3.15 1.94 -52.16
C CYS E 116 -4.26 2.17 -51.16
N SER E 117 -5.34 1.39 -51.24
CA SER E 117 -6.44 1.55 -50.32
C SER E 117 -6.00 1.27 -48.88
N ILE E 118 -5.22 0.21 -48.68
CA ILE E 118 -4.76 -0.14 -47.34
C ILE E 118 -3.84 0.96 -46.81
N PHE E 119 -2.93 1.46 -47.63
CA PHE E 119 -2.01 2.51 -47.20
C PHE E 119 -2.77 3.78 -46.84
N GLY E 120 -3.75 4.16 -47.66
CA GLY E 120 -4.54 5.33 -47.35
C GLY E 120 -5.34 5.17 -46.07
N ILE E 121 -5.92 3.99 -45.86
CA ILE E 121 -6.67 3.72 -44.64
C ILE E 121 -5.76 3.85 -43.42
N CYS E 122 -4.57 3.26 -43.51
CA CYS E 122 -3.63 3.31 -42.40
C CYS E 122 -3.18 4.75 -42.13
N MET E 123 -2.92 5.52 -43.18
CA MET E 123 -2.52 6.92 -43.01
C MET E 123 -3.63 7.71 -42.33
N VAL E 124 -4.87 7.56 -42.82
CA VAL E 124 -5.97 8.32 -42.26
C VAL E 124 -6.19 7.96 -40.79
N PHE E 125 -6.12 6.67 -40.47
CA PHE E 125 -6.28 6.26 -39.07
C PHE E 125 -5.16 6.80 -38.20
N SER E 126 -3.92 6.63 -38.64
CA SER E 126 -2.77 7.07 -37.85
C SER E 126 -2.69 8.58 -37.74
N GLY E 127 -3.43 9.30 -38.58
CA GLY E 127 -3.49 10.74 -38.42
C GLY E 127 -4.64 11.19 -37.54
N LEU E 128 -5.81 10.59 -37.72
CA LEU E 128 -6.99 11.04 -36.99
C LEU E 128 -7.00 10.57 -35.55
N CYS E 129 -6.56 9.34 -35.28
CA CYS E 129 -6.62 8.82 -33.92
C CYS E 129 -5.81 9.64 -32.92
N PRO E 130 -4.54 10.01 -33.19
CA PRO E 130 -3.81 10.79 -32.19
C PRO E 130 -4.43 12.13 -31.87
N LEU E 131 -5.00 12.82 -32.85
CA LEU E 131 -5.61 14.13 -32.59
C LEU E 131 -6.80 13.99 -31.65
N LEU E 132 -7.71 13.05 -31.96
CA LEU E 132 -8.88 12.86 -31.11
C LEU E 132 -8.48 12.35 -29.73
N LEU E 133 -7.46 11.49 -29.66
CA LEU E 133 -7.01 10.99 -28.37
C LEU E 133 -6.42 12.12 -27.53
N GLY E 134 -5.64 13.01 -28.15
CA GLY E 134 -5.14 14.16 -27.42
C GLY E 134 -6.25 15.07 -26.94
N SER E 135 -7.26 15.28 -27.78
CA SER E 135 -8.40 16.10 -27.38
C SER E 135 -9.14 15.49 -26.19
N VAL E 136 -9.37 14.17 -26.23
CA VAL E 136 -10.08 13.51 -25.15
C VAL E 136 -9.25 13.52 -23.87
N MET E 137 -7.94 13.32 -23.99
CA MET E 137 -7.07 13.40 -22.82
C MET E 137 -7.11 14.79 -22.21
N ALA E 138 -7.09 15.83 -23.05
CA ALA E 138 -7.18 17.19 -22.53
C ALA E 138 -8.51 17.43 -21.84
N ILE E 139 -9.60 16.92 -22.41
CA ILE E 139 -10.92 17.09 -21.80
C ILE E 139 -10.96 16.42 -20.43
N GLU E 140 -10.46 15.18 -20.36
CA GLU E 140 -10.48 14.45 -19.09
C GLU E 140 -9.59 15.14 -18.06
N ARG E 141 -8.43 15.65 -18.48
CA ARG E 141 -7.56 16.36 -17.55
C ARG E 141 -8.22 17.63 -17.03
N CYS E 142 -8.90 18.37 -17.92
CA CYS E 142 -9.60 19.57 -17.48
C CYS E 142 -10.71 19.23 -16.49
N ILE E 143 -11.46 18.16 -16.75
CA ILE E 143 -12.50 17.75 -15.82
C ILE E 143 -11.89 17.36 -14.47
N GLY E 144 -10.78 16.61 -14.50
CA GLY E 144 -10.17 16.14 -13.27
C GLY E 144 -9.41 17.20 -12.50
N VAL E 145 -9.11 18.32 -13.12
CA VAL E 145 -8.42 19.42 -12.45
C VAL E 145 -9.40 20.48 -11.95
N THR E 146 -10.34 20.90 -12.79
CA THR E 146 -11.26 21.96 -12.39
C THR E 146 -12.27 21.46 -11.37
N LYS E 147 -12.85 20.28 -11.59
CA LYS E 147 -13.86 19.70 -10.71
C LYS E 147 -13.41 18.31 -10.31
N PRO E 148 -12.47 18.20 -9.36
CA PRO E 148 -11.89 16.89 -9.06
C PRO E 148 -12.83 15.94 -8.35
N ILE E 149 -13.71 16.43 -7.49
CA ILE E 149 -14.58 15.54 -6.72
C ILE E 149 -15.58 14.84 -7.64
N PHE E 150 -16.18 15.58 -8.57
CA PHE E 150 -17.08 14.97 -9.54
C PHE E 150 -16.33 14.00 -10.44
N HIS E 151 -15.09 14.34 -10.79
CA HIS E 151 -14.28 13.44 -11.60
C HIS E 151 -14.03 12.12 -10.88
N SER E 152 -13.74 12.18 -9.58
CA SER E 152 -13.41 10.97 -8.84
C SER E 152 -14.65 10.12 -8.55
N THR E 153 -15.77 10.76 -8.19
CA THR E 153 -16.92 10.00 -7.72
C THR E 153 -17.80 9.45 -8.83
N LYS E 154 -18.03 10.21 -9.89
CA LYS E 154 -19.10 9.89 -10.84
C LYS E 154 -18.55 9.69 -12.25
N ILE E 155 -17.40 9.04 -12.39
CA ILE E 155 -16.88 8.76 -13.72
C ILE E 155 -16.57 7.27 -13.88
N THR E 156 -15.77 6.73 -12.95
CA THR E 156 -15.28 5.35 -12.97
C THR E 156 -14.47 5.02 -14.22
N SER E 157 -13.78 3.88 -14.21
CA SER E 157 -12.91 3.50 -15.32
C SER E 157 -13.66 2.86 -16.47
N LYS E 158 -14.87 2.36 -16.25
CA LYS E 158 -15.64 1.78 -17.35
C LYS E 158 -15.95 2.83 -18.40
N HIS E 159 -16.34 4.04 -17.97
CA HIS E 159 -16.63 5.11 -18.92
C HIS E 159 -15.39 5.49 -19.71
N VAL E 160 -14.23 5.51 -19.05
CA VAL E 160 -12.99 5.84 -19.74
C VAL E 160 -12.65 4.79 -20.79
N LYS E 161 -12.81 3.50 -20.44
CA LYS E 161 -12.55 2.44 -21.41
C LYS E 161 -13.49 2.53 -22.60
N MET E 162 -14.78 2.76 -22.34
CA MET E 162 -15.73 2.91 -23.43
C MET E 162 -15.40 4.12 -24.29
N MET E 163 -14.99 5.23 -23.69
CA MET E 163 -14.65 6.42 -24.46
C MET E 163 -13.43 6.17 -25.35
N LEU E 164 -12.41 5.50 -24.82
CA LEU E 164 -11.23 5.20 -25.62
C LEU E 164 -11.58 4.27 -26.78
N SER E 165 -12.35 3.22 -26.51
CA SER E 165 -12.74 2.30 -27.57
C SER E 165 -13.60 3.00 -28.61
N GLY E 166 -14.51 3.88 -28.17
CA GLY E 166 -15.34 4.60 -29.11
C GLY E 166 -14.55 5.58 -29.97
N VAL E 167 -13.54 6.22 -29.39
CA VAL E 167 -12.68 7.09 -30.17
C VAL E 167 -11.93 6.30 -31.24
N CYS E 168 -11.38 5.15 -30.86
CA CYS E 168 -10.69 4.32 -31.84
C CYS E 168 -11.63 3.86 -32.95
N LEU E 169 -12.85 3.43 -32.57
CA LEU E 169 -13.82 2.98 -33.56
C LEU E 169 -14.25 4.12 -34.48
N PHE E 170 -14.44 5.32 -33.94
CA PHE E 170 -14.80 6.46 -34.77
C PHE E 170 -13.68 6.79 -35.75
N ALA E 171 -12.43 6.75 -35.29
CA ALA E 171 -11.31 7.00 -36.19
C ALA E 171 -11.28 5.98 -37.32
N VAL E 172 -11.44 4.69 -36.98
CA VAL E 172 -11.40 3.66 -38.02
C VAL E 172 -12.59 3.79 -38.95
N PHE E 173 -13.74 4.25 -38.43
CA PHE E 173 -14.91 4.43 -39.29
C PHE E 173 -14.73 5.57 -40.27
N ILE E 174 -14.17 6.69 -39.81
CA ILE E 174 -13.90 7.80 -40.73
C ILE E 174 -12.85 7.37 -41.75
N ALA E 175 -11.87 6.55 -41.35
CA ALA E 175 -10.92 6.02 -42.31
C ALA E 175 -11.62 5.13 -43.34
N LEU E 176 -12.56 4.31 -42.89
CA LEU E 176 -13.26 3.38 -43.79
C LEU E 176 -14.28 4.07 -44.69
N LEU E 177 -14.71 5.29 -44.32
CA LEU E 177 -15.79 5.97 -45.04
C LEU E 177 -15.58 6.05 -46.56
N PRO E 178 -14.41 6.47 -47.09
CA PRO E 178 -14.26 6.45 -48.55
C PRO E 178 -14.40 5.07 -49.16
N ILE E 179 -13.89 4.04 -48.48
CA ILE E 179 -14.06 2.67 -48.96
C ILE E 179 -15.53 2.27 -48.91
N LEU E 180 -16.20 2.62 -47.81
CA LEU E 180 -17.63 2.31 -47.67
C LEU E 180 -18.50 3.10 -48.64
N GLY E 181 -17.95 4.14 -49.27
CA GLY E 181 -18.71 4.90 -50.24
C GLY E 181 -18.55 4.36 -51.65
N HIS E 182 -18.13 5.21 -52.58
CA HIS E 182 -17.92 4.79 -53.96
C HIS E 182 -16.52 5.17 -54.44
N ARG E 183 -15.99 6.27 -53.90
CA ARG E 183 -14.67 6.73 -54.28
C ARG E 183 -13.59 5.84 -53.66
N ASP E 184 -12.35 6.03 -54.12
CA ASP E 184 -11.22 5.26 -53.63
C ASP E 184 -10.03 6.20 -53.41
N TYR E 185 -9.13 5.78 -52.53
CA TYR E 185 -7.93 6.57 -52.28
C TYR E 185 -7.04 6.61 -53.51
N LYS E 186 -6.54 7.78 -53.83
CA LYS E 186 -5.63 7.98 -54.94
C LYS E 186 -4.19 8.06 -54.45
N ILE E 187 -3.25 7.95 -55.39
CA ILE E 187 -1.83 8.04 -55.10
C ILE E 187 -1.39 9.48 -55.33
N GLN E 188 -0.71 10.04 -54.34
CA GLN E 188 -0.38 11.46 -54.37
C GLN E 188 0.74 11.73 -55.38
N ALA E 189 0.96 13.03 -55.65
CA ALA E 189 1.93 13.42 -56.67
C ALA E 189 3.36 13.07 -56.27
N SER E 190 3.62 12.89 -54.97
CA SER E 190 4.95 12.48 -54.53
C SER E 190 5.28 11.04 -54.90
N ARG E 191 4.30 10.27 -55.36
CA ARG E 191 4.51 8.88 -55.77
C ARG E 191 5.03 8.03 -54.62
N THR E 192 4.70 8.40 -53.39
CA THR E 192 5.18 7.67 -52.22
C THR E 192 4.12 7.44 -51.15
N TRP E 193 2.89 7.93 -51.34
CA TRP E 193 1.85 7.73 -50.34
C TRP E 193 0.48 7.83 -51.01
N CYS E 194 -0.50 7.21 -50.39
CA CYS E 194 -1.88 7.20 -50.86
C CYS E 194 -2.76 7.95 -49.88
N PHE E 195 -3.57 8.86 -50.41
CA PHE E 195 -4.46 9.68 -49.58
C PHE E 195 -5.71 9.98 -50.40
N TYR E 196 -6.47 10.99 -49.96
CA TYR E 196 -7.65 11.42 -50.69
C TYR E 196 -7.27 11.92 -52.09
N ASN E 197 -8.29 12.13 -52.91
CA ASN E 197 -8.09 12.63 -54.27
C ASN E 197 -7.89 14.14 -54.19
N THR E 198 -6.66 14.59 -54.41
CA THR E 198 -6.30 16.00 -54.26
C THR E 198 -5.94 16.66 -55.58
N GLU E 199 -5.04 16.06 -56.37
CA GLU E 199 -4.59 16.68 -57.60
C GLU E 199 -5.58 16.47 -58.73
N ASP E 200 -6.84 16.88 -58.51
CA ASP E 200 -7.89 16.76 -59.51
C ASP E 200 -9.10 17.55 -59.04
N ILE E 201 -9.84 18.09 -60.00
CA ILE E 201 -11.10 18.79 -59.72
C ILE E 201 -12.20 17.76 -59.93
N LYS E 202 -12.51 17.03 -58.86
CA LYS E 202 -13.50 15.96 -58.91
C LYS E 202 -14.88 16.50 -58.53
N ASP E 203 -15.81 15.60 -58.28
CA ASP E 203 -17.16 15.98 -57.88
C ASP E 203 -17.16 16.36 -56.40
N TRP E 204 -18.35 16.50 -55.82
CA TRP E 204 -18.47 16.94 -54.43
C TRP E 204 -17.94 15.93 -53.42
N GLU E 205 -17.74 14.67 -53.82
CA GLU E 205 -17.31 13.65 -52.88
C GLU E 205 -15.90 13.91 -52.35
N ASP E 206 -14.97 14.20 -53.26
CA ASP E 206 -13.59 14.46 -52.84
C ASP E 206 -13.50 15.70 -51.98
N ARG E 207 -14.20 16.77 -52.37
CA ARG E 207 -14.22 17.99 -51.57
C ARG E 207 -14.81 17.71 -50.20
N PHE E 208 -15.88 16.92 -50.15
CA PHE E 208 -16.52 16.60 -48.88
C PHE E 208 -15.54 15.84 -47.97
N TYR E 209 -14.83 14.86 -48.52
CA TYR E 209 -13.90 14.08 -47.71
C TYR E 209 -12.74 14.95 -47.21
N LEU E 210 -12.19 15.79 -48.08
CA LEU E 210 -11.07 16.64 -47.68
C LEU E 210 -11.51 17.61 -46.59
N LEU E 211 -12.68 18.22 -46.78
CA LEU E 211 -13.21 19.15 -45.78
C LEU E 211 -13.49 18.43 -44.47
N LEU E 212 -14.00 17.20 -44.53
CA LEU E 212 -14.29 16.44 -43.32
C LEU E 212 -13.01 16.18 -42.54
N PHE E 213 -11.95 15.73 -43.22
CA PHE E 213 -10.69 15.47 -42.53
C PHE E 213 -10.13 16.74 -41.91
N SER E 214 -10.11 17.84 -42.69
CA SER E 214 -9.55 19.08 -42.18
C SER E 214 -10.37 19.61 -41.01
N PHE E 215 -11.69 19.55 -41.10
CA PHE E 215 -12.54 20.04 -40.03
C PHE E 215 -12.38 19.21 -38.76
N LEU E 216 -12.29 17.88 -38.90
CA LEU E 216 -12.06 17.05 -37.72
C LEU E 216 -10.73 17.40 -37.07
N GLY E 217 -9.67 17.55 -37.87
CA GLY E 217 -8.39 17.91 -37.31
C GLY E 217 -8.42 19.24 -36.59
N LEU E 218 -9.01 20.25 -37.22
CA LEU E 218 -9.06 21.58 -36.62
C LEU E 218 -9.92 21.59 -35.36
N LEU E 219 -11.03 20.88 -35.36
CA LEU E 219 -11.87 20.82 -34.16
C LEU E 219 -11.14 20.15 -33.02
N ALA E 220 -10.44 19.05 -33.29
CA ALA E 220 -9.67 18.39 -32.25
C ALA E 220 -8.58 19.31 -31.71
N LEU E 221 -7.89 20.01 -32.60
CA LEU E 221 -6.85 20.95 -32.15
C LEU E 221 -7.44 22.05 -31.28
N GLY E 222 -8.59 22.61 -31.68
CA GLY E 222 -9.19 23.68 -30.92
C GLY E 222 -9.68 23.23 -29.56
N VAL E 223 -10.29 22.05 -29.49
CA VAL E 223 -10.75 21.53 -28.20
C VAL E 223 -9.57 21.27 -27.28
N SER E 224 -8.50 20.67 -27.81
CA SER E 224 -7.32 20.43 -26.98
C SER E 224 -6.73 21.74 -26.48
N LEU E 225 -6.64 22.75 -27.36
CA LEU E 225 -6.09 24.05 -26.95
C LEU E 225 -6.93 24.68 -25.86
N LEU E 226 -8.26 24.67 -26.03
CA LEU E 226 -9.13 25.30 -25.05
C LEU E 226 -9.04 24.60 -23.70
N CYS E 227 -9.10 23.26 -23.70
CA CYS E 227 -9.07 22.53 -22.44
C CYS E 227 -7.73 22.70 -21.74
N ASN E 228 -6.62 22.64 -22.48
CA ASN E 228 -5.32 22.83 -21.86
C ASN E 228 -5.17 24.25 -21.31
N ALA E 229 -5.68 25.25 -22.03
CA ALA E 229 -5.60 26.62 -21.53
C ALA E 229 -6.42 26.78 -20.26
N ILE E 230 -7.61 26.17 -20.21
CA ILE E 230 -8.44 26.27 -19.01
C ILE E 230 -7.74 25.61 -17.83
N THR E 231 -7.16 24.42 -18.05
CA THR E 231 -6.46 23.73 -16.97
C THR E 231 -5.28 24.55 -16.48
N GLY E 232 -4.49 25.12 -17.40
CA GLY E 232 -3.35 25.92 -17.00
C GLY E 232 -3.75 27.17 -16.24
N ILE E 233 -4.81 27.84 -16.69
CA ILE E 233 -5.29 29.03 -16.02
C ILE E 233 -5.74 28.70 -14.60
N THR E 234 -6.49 27.60 -14.44
CA THR E 234 -6.93 27.21 -13.11
C THR E 234 -5.77 26.86 -12.20
N LEU E 235 -4.77 26.14 -12.74
CA LEU E 235 -3.64 25.73 -11.91
C LEU E 235 -2.78 26.93 -11.51
N LEU E 236 -2.64 27.91 -12.40
CA LEU E 236 -1.83 29.08 -12.07
C LEU E 236 -2.42 29.86 -10.90
N ARG E 237 -3.74 30.00 -10.87
CA ARG E 237 -4.40 30.72 -9.79
C ARG E 237 -4.62 29.81 -8.58
N HIS E 251 3.62 20.73 -7.67
CA HIS E 251 3.45 20.07 -8.96
C HIS E 251 2.75 20.98 -9.97
N HIS E 252 2.36 22.17 -9.53
CA HIS E 252 1.66 23.10 -10.40
C HIS E 252 2.54 23.57 -11.55
N LEU E 253 3.80 23.89 -11.26
CA LEU E 253 4.69 24.37 -12.31
C LEU E 253 4.95 23.28 -13.36
N GLU E 254 5.15 22.05 -12.91
CA GLU E 254 5.39 20.95 -13.84
C GLU E 254 4.20 20.76 -14.77
N MET E 255 2.98 20.77 -14.22
CA MET E 255 1.79 20.64 -15.05
C MET E 255 1.64 21.80 -16.01
N VAL E 256 1.90 23.02 -15.56
CA VAL E 256 1.77 24.18 -16.44
C VAL E 256 2.76 24.07 -17.60
N ILE E 257 4.01 23.69 -17.30
CA ILE E 257 5.02 23.55 -18.33
C ILE E 257 4.64 22.45 -19.31
N GLN E 258 4.16 21.32 -18.80
CA GLN E 258 3.77 20.23 -19.68
C GLN E 258 2.59 20.61 -20.57
N LEU E 259 1.60 21.31 -20.03
CA LEU E 259 0.46 21.74 -20.84
C LEU E 259 0.89 22.72 -21.91
N LEU E 260 1.78 23.66 -21.57
CA LEU E 260 2.28 24.61 -22.57
C LEU E 260 3.04 23.88 -23.67
N ALA E 261 3.88 22.90 -23.29
CA ALA E 261 4.61 22.14 -24.30
C ALA E 261 3.66 21.37 -25.20
N ILE E 262 2.63 20.75 -24.62
CA ILE E 262 1.66 19.99 -25.42
C ILE E 262 0.96 20.91 -26.41
N MET E 263 0.50 22.06 -25.93
CA MET E 263 -0.20 23.01 -26.80
C MET E 263 0.69 23.45 -27.95
N CYS E 264 1.91 23.91 -27.64
CA CYS E 264 2.78 24.43 -28.68
C CYS E 264 3.17 23.36 -29.67
N VAL E 265 3.53 22.16 -29.18
CA VAL E 265 3.94 21.09 -30.08
C VAL E 265 2.80 20.69 -31.00
N SER E 266 1.62 20.47 -30.44
CA SER E 266 0.49 20.04 -31.25
C SER E 266 0.15 21.08 -32.30
N CYS E 267 0.03 22.35 -31.89
CA CYS E 267 -0.34 23.40 -32.84
C CYS E 267 0.71 23.53 -33.94
N ILE E 268 1.98 23.66 -33.55
CA ILE E 268 3.04 23.91 -34.53
C ILE E 268 3.16 22.76 -35.51
N CYS E 269 3.10 21.53 -35.02
CA CYS E 269 3.35 20.37 -35.88
C CYS E 269 2.11 19.83 -36.57
N TRP E 270 0.92 20.36 -36.28
CA TRP E 270 -0.28 19.90 -36.97
C TRP E 270 -1.02 20.99 -37.73
N SER E 271 -0.64 22.26 -37.59
CA SER E 271 -1.38 23.30 -38.30
C SER E 271 -1.10 23.35 -39.81
N PRO E 272 0.15 23.30 -40.28
CA PRO E 272 0.35 23.45 -41.75
C PRO E 272 -0.36 22.38 -42.56
N PHE E 273 -0.37 21.13 -42.10
CA PHE E 273 -0.97 20.05 -42.86
C PHE E 273 -2.48 20.24 -42.98
N LEU E 274 -3.16 20.49 -41.87
CA LEU E 274 -4.60 20.68 -41.90
C LEU E 274 -4.98 21.94 -42.66
N VAL E 275 -4.17 23.00 -42.53
CA VAL E 275 -4.45 24.24 -43.26
C VAL E 275 -4.31 24.02 -44.76
N THR E 276 -3.27 23.30 -45.17
CA THR E 276 -3.09 22.99 -46.59
C THR E 276 -4.25 22.15 -47.11
N MET E 277 -4.70 21.16 -46.33
CA MET E 277 -5.84 20.35 -46.76
C MET E 277 -7.11 21.18 -46.85
N ALA E 278 -7.31 22.11 -45.91
CA ALA E 278 -8.47 22.99 -45.99
C ALA E 278 -8.41 23.85 -47.25
N ASN E 279 -7.23 24.38 -47.56
CA ASN E 279 -7.09 25.19 -48.77
C ASN E 279 -7.36 24.36 -50.03
N ILE E 280 -6.87 23.12 -50.06
CA ILE E 280 -7.09 22.26 -51.21
C ILE E 280 -8.58 21.94 -51.35
N GLY E 281 -9.24 21.61 -50.24
CA GLY E 281 -10.65 21.26 -50.31
C GLY E 281 -11.53 22.42 -50.71
N ILE E 282 -11.30 23.60 -50.13
CA ILE E 282 -12.16 24.74 -50.42
C ILE E 282 -11.95 25.23 -51.85
N ASN E 283 -10.73 25.10 -52.36
CA ASN E 283 -10.44 25.51 -53.72
C ASN E 283 -10.56 24.31 -54.66
N GLY E 284 -10.19 24.50 -55.93
CA GLY E 284 -10.23 23.42 -56.89
C GLY E 284 -8.84 22.95 -57.28
N ASN E 285 -7.86 23.28 -56.45
CA ASN E 285 -6.44 22.96 -56.62
C ASN E 285 -5.80 23.67 -57.80
N HIS E 286 -6.57 24.46 -58.57
CA HIS E 286 -5.97 25.25 -59.64
C HIS E 286 -5.07 26.34 -59.07
N SER E 287 -5.51 27.00 -58.01
CA SER E 287 -4.73 28.01 -57.30
C SER E 287 -4.51 27.46 -55.89
N LEU E 288 -3.46 26.67 -55.71
CA LEU E 288 -3.19 26.02 -54.45
C LEU E 288 -1.68 25.85 -54.31
N GLU E 289 -1.27 25.05 -53.33
CA GLU E 289 0.14 24.85 -53.02
C GLU E 289 0.73 23.77 -53.92
N THR E 290 2.02 23.51 -53.75
CA THR E 290 2.76 22.55 -54.56
C THR E 290 3.06 21.30 -53.73
N CYS E 291 3.75 20.34 -54.36
CA CYS E 291 4.04 19.08 -53.70
C CYS E 291 5.03 19.25 -52.57
N GLU E 292 5.97 20.20 -52.70
CA GLU E 292 6.97 20.40 -51.67
C GLU E 292 6.34 20.81 -50.34
N THR E 293 5.37 21.73 -50.39
CA THR E 293 4.68 22.16 -49.18
C THR E 293 3.90 21.02 -48.54
N THR E 294 3.22 20.20 -49.35
CA THR E 294 2.49 19.06 -48.80
C THR E 294 3.45 18.08 -48.13
N LEU E 295 4.56 17.85 -48.81
CA LEU E 295 5.57 16.93 -48.25
C LEU E 295 6.18 17.62 -47.05
N PHE E 296 6.45 18.92 -47.09
CA PHE E 296 6.97 19.55 -45.85
C PHE E 296 5.82 19.75 -44.88
N ALA E 297 4.78 18.97 -45.02
CA ALA E 297 3.72 19.03 -44.03
C ALA E 297 3.40 17.60 -43.62
N LEU E 298 3.62 16.65 -44.51
CA LEU E 298 3.44 15.26 -44.05
C LEU E 298 4.62 15.07 -43.13
N ARG E 299 5.77 15.60 -43.50
CA ARG E 299 6.97 15.32 -42.68
C ARG E 299 6.98 16.20 -41.44
N MET E 300 6.10 17.18 -41.32
CA MET E 300 6.10 17.95 -40.07
C MET E 300 4.95 17.42 -39.22
N ALA E 301 4.13 16.52 -39.76
CA ALA E 301 3.11 15.91 -38.90
C ALA E 301 3.80 14.72 -38.25
N THR E 302 4.39 13.90 -39.06
CA THR E 302 5.14 12.74 -38.57
C THR E 302 5.98 13.12 -37.36
N TRP E 303 6.55 14.32 -37.35
CA TRP E 303 7.31 14.76 -36.19
C TRP E 303 6.44 14.93 -34.96
N ASN E 304 5.19 15.39 -35.14
CA ASN E 304 4.26 15.42 -34.01
C ASN E 304 4.01 14.01 -33.48
N GLN E 305 3.79 13.06 -34.38
CA GLN E 305 3.57 11.68 -33.96
C GLN E 305 4.77 11.14 -33.20
N ILE E 306 5.98 11.53 -33.62
CA ILE E 306 7.19 11.11 -32.93
C ILE E 306 7.29 11.75 -31.55
N LEU E 307 6.98 13.05 -31.46
CA LEU E 307 7.19 13.81 -30.24
C LEU E 307 6.08 13.63 -29.21
N ASP E 308 4.94 13.05 -29.58
CA ASP E 308 3.87 12.88 -28.60
C ASP E 308 4.28 12.05 -27.39
N PRO E 309 4.87 10.85 -27.53
CA PRO E 309 5.31 10.12 -26.33
C PRO E 309 6.40 10.82 -25.54
N TRP E 310 7.28 11.56 -26.21
CA TRP E 310 8.29 12.34 -25.48
C TRP E 310 7.65 13.42 -24.64
N VAL E 311 6.72 14.18 -25.22
CA VAL E 311 6.16 15.34 -24.54
C VAL E 311 5.13 14.94 -23.48
N TYR E 312 4.44 13.81 -23.66
CA TYR E 312 3.39 13.41 -22.73
C TYR E 312 3.92 12.68 -21.50
N ILE E 313 4.94 11.85 -21.64
CA ILE E 313 5.35 10.95 -20.56
C ILE E 313 6.82 11.07 -20.22
N LEU E 314 7.69 10.89 -21.20
CA LEU E 314 9.11 10.67 -20.93
C LEU E 314 9.84 11.91 -20.44
N LEU E 315 9.23 13.09 -20.50
CA LEU E 315 9.91 14.32 -20.12
C LEU E 315 9.65 14.74 -18.68
N ARG E 316 8.92 13.94 -17.92
CA ARG E 316 8.64 14.29 -16.53
C ARG E 316 9.87 14.08 -15.65
N LYS E 317 9.91 14.80 -14.53
CA LYS E 317 11.04 14.70 -13.61
C LYS E 317 11.16 13.30 -13.03
N ALA E 318 10.03 12.70 -12.64
CA ALA E 318 10.07 11.37 -12.04
C ALA E 318 10.56 10.32 -13.03
N VAL E 319 10.12 10.42 -14.29
CA VAL E 319 10.57 9.46 -15.31
C VAL E 319 12.03 9.69 -15.64
N LEU E 320 12.46 10.95 -15.74
CA LEU E 320 13.84 11.24 -16.09
C LEU E 320 14.82 10.75 -15.04
N LYS E 321 14.48 10.90 -13.76
CA LYS E 321 15.34 10.43 -12.69
C LYS E 321 15.20 8.93 -12.48
#